data_2NDI
#
_entry.id   2NDI
#
_entity_poly.entity_id   1
_entity_poly.type   'polypeptide(L)'
_entity_poly.pdbx_seq_one_letter_code
;GLCSENGDCAADECCVDTVFEGDMVTRSCEKTTGNFTECPGLTPIA
;
_entity_poly.pdbx_strand_id   A
#
# COMPACT_ATOMS: atom_id res chain seq x y z
N GLY A 1 -2.08 11.10 4.74
CA GLY A 1 -1.37 9.90 5.28
C GLY A 1 -0.71 9.14 4.15
N LEU A 2 -0.09 9.88 3.23
CA LEU A 2 0.59 9.26 2.10
C LEU A 2 1.89 8.59 2.57
N CYS A 3 2.22 7.46 1.96
CA CYS A 3 3.44 6.74 2.32
C CYS A 3 4.64 7.24 1.51
N SER A 4 5.61 7.80 2.21
CA SER A 4 6.82 8.31 1.56
C SER A 4 7.69 7.15 1.12
N GLU A 5 8.21 6.44 2.11
CA GLU A 5 9.08 5.28 1.86
C GLU A 5 8.25 4.05 1.57
N ASN A 6 8.86 3.07 0.90
CA ASN A 6 8.15 1.84 0.55
C ASN A 6 7.69 1.11 1.82
N GLY A 7 8.55 1.06 2.83
CA GLY A 7 8.21 0.37 4.08
C GLY A 7 7.70 1.36 5.13
N ASP A 8 6.68 2.12 4.76
CA ASP A 8 6.10 3.10 5.68
C ASP A 8 5.50 2.39 6.89
N CYS A 9 4.74 1.34 6.63
CA CYS A 9 4.11 0.59 7.71
C CYS A 9 5.17 -0.04 8.61
N ALA A 10 6.20 -0.58 7.97
CA ALA A 10 7.31 -1.21 8.68
C ALA A 10 8.44 -1.53 7.71
N ALA A 11 9.60 -1.89 8.25
CA ALA A 11 10.74 -2.21 7.41
C ALA A 11 10.44 -3.39 6.50
N ASP A 12 9.78 -4.41 7.05
CA ASP A 12 9.43 -5.60 6.27
C ASP A 12 8.15 -5.38 5.47
N GLU A 13 7.26 -4.57 6.02
CA GLU A 13 5.98 -4.29 5.34
C GLU A 13 6.19 -3.33 4.18
N CYS A 14 5.17 -3.21 3.33
CA CYS A 14 5.23 -2.31 2.16
C CYS A 14 3.98 -1.44 2.10
N CYS A 15 4.17 -0.19 1.66
CA CYS A 15 3.06 0.76 1.53
C CYS A 15 3.18 1.49 0.21
N VAL A 16 2.05 1.68 -0.46
CA VAL A 16 2.06 2.37 -1.75
C VAL A 16 0.77 3.15 -1.94
N ASP A 17 0.89 4.47 -2.06
CA ASP A 17 -0.27 5.32 -2.25
C ASP A 17 -0.82 5.22 -3.67
N THR A 18 -2.07 4.76 -3.79
CA THR A 18 -2.71 4.64 -5.09
C THR A 18 -3.59 5.87 -5.33
N VAL A 19 -3.93 6.11 -6.59
CA VAL A 19 -4.76 7.24 -6.94
C VAL A 19 -4.96 7.26 -8.45
N PHE A 20 -6.20 7.12 -8.82
CA PHE A 20 -6.58 7.08 -10.23
C PHE A 20 -7.22 8.40 -10.65
N GLU A 21 -8.28 8.81 -9.96
CA GLU A 21 -8.98 10.02 -10.30
C GLU A 21 -8.84 11.08 -9.21
N GLY A 22 -9.57 12.18 -9.39
CA GLY A 22 -9.52 13.30 -8.44
C GLY A 22 -10.65 13.23 -7.42
N ASP A 23 -11.60 12.32 -7.65
CA ASP A 23 -12.73 12.18 -6.73
C ASP A 23 -12.25 11.80 -5.33
N MET A 24 -11.28 10.90 -5.28
CA MET A 24 -10.74 10.45 -4.00
C MET A 24 -9.39 9.77 -4.18
N VAL A 25 -8.70 9.51 -3.07
CA VAL A 25 -7.40 8.86 -3.10
C VAL A 25 -7.44 7.54 -2.34
N THR A 26 -6.71 6.56 -2.86
CA THR A 26 -6.66 5.22 -2.25
C THR A 26 -5.24 4.88 -1.78
N ARG A 27 -5.15 4.29 -0.60
CA ARG A 27 -3.87 3.89 -0.02
C ARG A 27 -3.91 2.41 0.35
N SER A 28 -2.74 1.76 0.43
CA SER A 28 -2.69 0.34 0.76
C SER A 28 -1.42 0.00 1.53
N CYS A 29 -1.47 -1.13 2.25
CA CYS A 29 -0.33 -1.59 3.03
C CYS A 29 -0.66 -2.96 3.63
N GLU A 30 0.29 -3.88 3.60
CA GLU A 30 0.08 -5.22 4.14
C GLU A 30 0.90 -5.44 5.41
N LYS A 31 0.26 -6.02 6.42
CA LYS A 31 0.94 -6.29 7.68
C LYS A 31 1.63 -7.65 7.61
N THR A 32 2.83 -7.72 8.18
CA THR A 32 3.59 -8.97 8.17
C THR A 32 3.26 -9.82 9.39
N THR A 33 2.44 -10.85 9.18
CA THR A 33 2.04 -11.75 10.26
C THR A 33 2.06 -13.17 9.77
N GLY A 34 2.77 -14.00 10.50
CA GLY A 34 2.86 -15.39 10.16
C GLY A 34 3.56 -15.55 8.81
N ASN A 35 2.87 -15.16 7.74
CA ASN A 35 3.41 -15.26 6.38
C ASN A 35 3.65 -13.85 5.83
N PHE A 36 4.74 -13.69 5.08
CA PHE A 36 5.06 -12.39 4.51
C PHE A 36 4.09 -12.03 3.38
N THR A 37 3.76 -10.75 3.27
CA THR A 37 2.85 -10.28 2.25
C THR A 37 3.23 -8.88 1.81
N GLU A 38 3.59 -8.73 0.54
CA GLU A 38 3.99 -7.44 -0.01
C GLU A 38 2.77 -6.61 -0.38
N CYS A 39 2.97 -5.31 -0.53
CA CYS A 39 1.89 -4.39 -0.89
C CYS A 39 1.37 -4.73 -2.29
N PRO A 40 0.10 -4.49 -2.56
CA PRO A 40 -0.49 -4.78 -3.90
C PRO A 40 -0.05 -3.76 -4.95
N GLY A 41 0.26 -4.26 -6.13
CA GLY A 41 0.70 -3.41 -7.24
C GLY A 41 -0.43 -3.20 -8.24
N LEU A 42 -1.62 -3.68 -7.88
CA LEU A 42 -2.79 -3.55 -8.76
C LEU A 42 -3.77 -2.52 -8.20
N THR A 43 -4.46 -1.83 -9.11
CA THR A 43 -5.43 -0.80 -8.72
C THR A 43 -6.67 -0.85 -9.63
N PRO A 44 -7.43 -1.90 -9.53
CA PRO A 44 -8.67 -2.07 -10.34
C PRO A 44 -9.81 -1.21 -9.84
N ILE A 45 -9.61 -0.60 -8.66
CA ILE A 45 -10.64 0.25 -8.07
C ILE A 45 -10.82 1.53 -8.89
N ALA A 46 -12.06 1.82 -9.24
CA ALA A 46 -12.36 3.02 -10.02
C ALA A 46 -13.86 3.31 -10.00
N GLY A 1 3.51 11.48 0.43
CA GLY A 1 2.20 10.78 0.56
C GLY A 1 2.16 10.01 1.87
N LEU A 2 1.16 9.15 2.02
CA LEU A 2 1.02 8.36 3.24
C LEU A 2 2.21 7.42 3.42
N CYS A 3 2.67 6.86 2.30
CA CYS A 3 3.80 5.95 2.34
C CYS A 3 5.11 6.73 2.42
N SER A 4 5.74 6.73 3.58
CA SER A 4 7.00 7.44 3.77
C SER A 4 8.06 6.88 2.82
N GLU A 5 8.08 5.56 2.74
CA GLU A 5 9.04 4.86 1.90
C GLU A 5 8.40 3.60 1.30
N ASN A 6 9.24 2.71 0.78
CA ASN A 6 8.72 1.48 0.17
C ASN A 6 7.94 0.68 1.21
N GLY A 7 8.45 0.65 2.44
CA GLY A 7 7.79 -0.07 3.53
C GLY A 7 7.49 0.86 4.69
N ASP A 8 6.60 1.82 4.45
CA ASP A 8 6.22 2.78 5.47
C ASP A 8 5.59 2.06 6.67
N CYS A 9 4.74 1.08 6.38
CA CYS A 9 4.08 0.33 7.44
C CYS A 9 5.12 -0.39 8.29
N ALA A 10 6.13 -0.94 7.63
CA ALA A 10 7.20 -1.65 8.32
C ALA A 10 8.36 -1.91 7.36
N ALA A 11 9.51 -2.28 7.90
CA ALA A 11 10.67 -2.55 7.07
C ALA A 11 10.40 -3.69 6.09
N ASP A 12 9.72 -4.73 6.56
CA ASP A 12 9.41 -5.88 5.71
C ASP A 12 8.13 -5.64 4.91
N GLU A 13 7.21 -4.85 5.48
CA GLU A 13 5.95 -4.55 4.83
C GLU A 13 6.13 -3.54 3.70
N CYS A 14 5.18 -3.50 2.78
CA CYS A 14 5.22 -2.58 1.64
C CYS A 14 4.15 -1.50 1.80
N CYS A 15 4.40 -0.33 1.20
CA CYS A 15 3.45 0.78 1.27
C CYS A 15 3.47 1.54 -0.05
N VAL A 16 2.30 1.73 -0.65
CA VAL A 16 2.22 2.45 -1.92
C VAL A 16 0.91 3.21 -2.02
N ASP A 17 1.02 4.51 -2.34
CA ASP A 17 -0.16 5.36 -2.47
C ASP A 17 -0.55 5.52 -3.92
N THR A 18 -1.84 5.36 -4.21
CA THR A 18 -2.38 5.50 -5.56
C THR A 18 -3.45 6.57 -5.58
N VAL A 19 -3.75 7.09 -6.76
CA VAL A 19 -4.76 8.10 -6.91
C VAL A 19 -4.86 8.50 -8.37
N PHE A 20 -6.02 8.26 -8.91
CA PHE A 20 -6.31 8.56 -10.30
C PHE A 20 -7.03 9.89 -10.44
N GLU A 21 -8.24 9.97 -9.89
CA GLU A 21 -9.04 11.15 -9.98
C GLU A 21 -9.17 11.86 -8.63
N GLY A 22 -10.01 12.88 -8.59
CA GLY A 22 -10.21 13.66 -7.36
C GLY A 22 -11.40 13.16 -6.56
N ASP A 23 -12.21 12.30 -7.16
CA ASP A 23 -13.40 11.76 -6.48
C ASP A 23 -13.00 10.99 -5.23
N MET A 24 -11.92 10.23 -5.33
CA MET A 24 -11.45 9.44 -4.19
C MET A 24 -9.98 9.07 -4.34
N VAL A 25 -9.38 8.58 -3.26
CA VAL A 25 -7.97 8.18 -3.25
C VAL A 25 -7.82 6.73 -2.83
N THR A 26 -6.88 6.04 -3.45
CA THR A 26 -6.61 4.63 -3.16
C THR A 26 -5.19 4.44 -2.62
N ARG A 27 -5.07 3.62 -1.58
CA ARG A 27 -3.77 3.34 -0.97
C ARG A 27 -3.70 1.88 -0.53
N SER A 28 -2.49 1.34 -0.43
CA SER A 28 -2.31 -0.05 -0.02
C SER A 28 -1.10 -0.21 0.90
N CYS A 29 -1.18 -1.17 1.80
CA CYS A 29 -0.10 -1.44 2.74
C CYS A 29 -0.38 -2.72 3.52
N GLU A 30 0.46 -3.74 3.34
CA GLU A 30 0.27 -5.01 4.02
C GLU A 30 0.83 -4.95 5.44
N LYS A 31 0.22 -5.73 6.34
CA LYS A 31 0.65 -5.77 7.73
C LYS A 31 1.25 -7.14 8.05
N THR A 32 2.31 -7.16 8.86
CA THR A 32 2.96 -8.41 9.22
C THR A 32 2.04 -9.23 10.14
N THR A 33 1.81 -10.47 9.76
CA THR A 33 0.96 -11.37 10.54
C THR A 33 1.39 -12.79 10.35
N GLY A 34 2.31 -13.23 11.20
CA GLY A 34 2.80 -14.59 11.13
C GLY A 34 3.70 -14.79 9.92
N ASN A 35 3.24 -14.32 8.76
CA ASN A 35 4.00 -14.45 7.51
C ASN A 35 4.03 -13.10 6.79
N PHE A 36 5.19 -12.77 6.23
CA PHE A 36 5.35 -11.51 5.51
C PHE A 36 4.82 -11.63 4.08
N THR A 37 4.25 -10.54 3.57
CA THR A 37 3.71 -10.51 2.22
C THR A 37 4.25 -9.30 1.47
N GLU A 38 3.42 -8.74 0.59
CA GLU A 38 3.82 -7.58 -0.19
C GLU A 38 2.60 -6.85 -0.74
N CYS A 39 2.76 -5.56 -1.00
CA CYS A 39 1.66 -4.76 -1.54
C CYS A 39 1.34 -5.21 -2.97
N PRO A 40 0.11 -5.09 -3.41
CA PRO A 40 -0.29 -5.51 -4.78
C PRO A 40 0.19 -4.52 -5.83
N GLY A 41 0.71 -5.06 -6.93
CA GLY A 41 1.21 -4.22 -8.02
C GLY A 41 0.08 -3.41 -8.64
N LEU A 42 -1.08 -4.04 -8.79
CA LEU A 42 -2.26 -3.39 -9.38
C LEU A 42 -3.33 -3.16 -8.32
N THR A 43 -4.05 -2.05 -8.44
CA THR A 43 -5.10 -1.72 -7.48
C THR A 43 -6.27 -2.68 -7.65
N PRO A 44 -7.00 -2.96 -6.58
CA PRO A 44 -8.18 -3.90 -6.65
C PRO A 44 -9.40 -3.25 -7.31
N ILE A 45 -9.33 -1.94 -7.52
CA ILE A 45 -10.45 -1.22 -8.14
C ILE A 45 -10.86 -1.89 -9.45
N ALA A 46 -9.89 -2.49 -10.13
CA ALA A 46 -10.17 -3.16 -11.39
C ALA A 46 -8.99 -4.04 -11.81
N GLY A 1 -2.71 8.22 6.03
CA GLY A 1 -1.84 7.00 5.99
C GLY A 1 -0.94 7.08 4.76
N LEU A 2 -0.28 8.22 4.58
CA LEU A 2 0.60 8.41 3.44
C LEU A 2 1.88 7.59 3.62
N CYS A 3 2.46 7.15 2.50
CA CYS A 3 3.69 6.36 2.55
C CYS A 3 4.91 7.25 2.66
N SER A 4 5.50 7.31 3.86
CA SER A 4 6.69 8.12 4.07
C SER A 4 7.83 7.61 3.20
N GLU A 5 7.94 6.28 3.16
CA GLU A 5 8.99 5.61 2.41
C GLU A 5 8.45 4.33 1.77
N ASN A 6 9.35 3.54 1.19
CA ASN A 6 8.95 2.29 0.57
C ASN A 6 8.29 1.37 1.59
N GLY A 7 8.84 1.35 2.80
CA GLY A 7 8.30 0.52 3.89
C GLY A 7 7.85 1.39 5.05
N ASP A 8 6.86 2.23 4.79
CA ASP A 8 6.33 3.12 5.83
C ASP A 8 5.78 2.32 7.00
N CYS A 9 4.98 1.31 6.68
CA CYS A 9 4.39 0.47 7.72
C CYS A 9 5.48 -0.26 8.50
N ALA A 10 6.47 -0.74 7.77
CA ALA A 10 7.60 -1.46 8.37
C ALA A 10 8.67 -1.71 7.31
N ALA A 11 9.88 -2.04 7.75
CA ALA A 11 10.96 -2.29 6.80
C ALA A 11 10.60 -3.45 5.88
N ASP A 12 10.08 -4.53 6.46
CA ASP A 12 9.69 -5.70 5.68
C ASP A 12 8.44 -5.39 4.87
N GLU A 13 7.53 -4.65 5.47
CA GLU A 13 6.27 -4.29 4.81
C GLU A 13 6.50 -3.17 3.80
N CYS A 14 5.62 -3.06 2.81
CA CYS A 14 5.74 -2.02 1.79
C CYS A 14 4.65 -0.96 1.98
N CYS A 15 4.76 0.14 1.24
CA CYS A 15 3.77 1.20 1.33
C CYS A 15 3.77 2.00 0.03
N VAL A 16 2.60 2.18 -0.56
CA VAL A 16 2.49 2.91 -1.82
C VAL A 16 1.13 3.58 -1.92
N ASP A 17 1.13 4.87 -2.22
CA ASP A 17 -0.11 5.64 -2.34
C ASP A 17 -0.56 5.71 -3.79
N THR A 18 -1.76 5.19 -4.06
CA THR A 18 -2.33 5.21 -5.40
C THR A 18 -3.41 6.29 -5.48
N VAL A 19 -3.80 6.63 -6.71
CA VAL A 19 -4.82 7.63 -6.93
C VAL A 19 -4.98 7.85 -8.42
N PHE A 20 -6.18 7.58 -8.88
CA PHE A 20 -6.53 7.73 -10.28
C PHE A 20 -7.24 9.05 -10.54
N GLU A 21 -8.43 9.21 -9.97
CA GLU A 21 -9.22 10.41 -10.17
C GLU A 21 -9.26 11.26 -8.91
N GLY A 22 -10.10 12.30 -8.94
CA GLY A 22 -10.24 13.21 -7.81
C GLY A 22 -11.41 12.83 -6.92
N ASP A 23 -12.28 11.94 -7.41
CA ASP A 23 -13.44 11.51 -6.63
C ASP A 23 -13.01 10.86 -5.33
N MET A 24 -11.98 10.04 -5.40
CA MET A 24 -11.46 9.34 -4.23
C MET A 24 -10.04 8.85 -4.48
N VAL A 25 -9.34 8.56 -3.39
CA VAL A 25 -7.96 8.10 -3.46
C VAL A 25 -7.81 6.72 -2.86
N THR A 26 -6.72 6.04 -3.22
CA THR A 26 -6.45 4.69 -2.74
C THR A 26 -5.03 4.58 -2.18
N ARG A 27 -4.91 3.88 -1.05
CA ARG A 27 -3.60 3.67 -0.41
C ARG A 27 -3.38 2.19 -0.15
N SER A 28 -2.11 1.77 -0.07
CA SER A 28 -1.79 0.37 0.18
C SER A 28 -0.59 0.23 1.10
N CYS A 29 -0.58 -0.84 1.89
CA CYS A 29 0.50 -1.09 2.83
C CYS A 29 0.33 -2.48 3.44
N GLU A 30 1.10 -3.45 2.94
CA GLU A 30 0.99 -4.81 3.45
C GLU A 30 1.32 -4.87 4.93
N LYS A 31 0.92 -5.99 5.53
CA LYS A 31 1.16 -6.23 6.95
C LYS A 31 1.64 -7.66 7.18
N THR A 32 2.56 -7.84 8.12
CA THR A 32 3.11 -9.17 8.42
C THR A 32 2.66 -9.63 9.81
N THR A 33 2.00 -10.78 9.85
CA THR A 33 1.53 -11.34 11.11
C THR A 33 1.40 -12.84 11.01
N GLY A 34 2.53 -13.50 11.22
CA GLY A 34 2.56 -14.93 11.16
C GLY A 34 2.60 -15.41 9.72
N ASN A 35 2.49 -14.46 8.80
CA ASN A 35 2.51 -14.76 7.37
C ASN A 35 2.99 -13.54 6.59
N PHE A 36 3.65 -13.77 5.46
CA PHE A 36 4.17 -12.69 4.63
C PHE A 36 3.28 -12.47 3.41
N THR A 37 3.11 -11.21 3.01
CA THR A 37 2.30 -10.87 1.86
C THR A 37 2.74 -9.54 1.27
N GLU A 38 3.08 -9.56 -0.01
CA GLU A 38 3.53 -8.34 -0.69
C GLU A 38 2.34 -7.48 -1.12
N CYS A 39 2.60 -6.19 -1.35
CA CYS A 39 1.55 -5.27 -1.77
C CYS A 39 0.68 -5.93 -2.84
N PRO A 40 -0.52 -5.46 -3.06
CA PRO A 40 -1.44 -6.05 -4.08
C PRO A 40 -1.02 -5.69 -5.51
N GLY A 41 -0.99 -6.69 -6.37
CA GLY A 41 -0.61 -6.50 -7.76
C GLY A 41 -1.58 -5.57 -8.47
N LEU A 42 -2.87 -5.75 -8.18
CA LEU A 42 -3.93 -4.93 -8.79
C LEU A 42 -4.62 -4.06 -7.74
N THR A 43 -5.02 -2.87 -8.16
CA THR A 43 -5.70 -1.95 -7.24
C THR A 43 -7.15 -2.39 -7.04
N PRO A 44 -7.89 -1.76 -6.15
CA PRO A 44 -9.31 -2.15 -5.89
C PRO A 44 -10.18 -1.98 -7.14
N ILE A 45 -9.72 -1.13 -8.06
CA ILE A 45 -10.45 -0.89 -9.29
C ILE A 45 -10.63 -2.17 -10.08
N ALA A 46 -9.56 -2.94 -10.20
CA ALA A 46 -9.59 -4.20 -10.93
C ALA A 46 -10.63 -5.14 -10.32
N GLY A 1 -0.41 11.34 1.24
CA GLY A 1 -0.09 11.35 -0.21
C GLY A 1 0.77 10.14 -0.55
N LEU A 2 2.08 10.34 -0.60
CA LEU A 2 3.02 9.25 -0.92
C LEU A 2 3.57 8.63 0.36
N CYS A 3 3.95 7.36 0.28
CA CYS A 3 4.49 6.67 1.44
C CYS A 3 5.81 7.31 1.87
N SER A 4 6.07 7.29 3.18
CA SER A 4 7.29 7.88 3.72
C SER A 4 8.51 7.19 3.11
N GLU A 5 8.43 5.87 3.03
CA GLU A 5 9.54 5.07 2.51
C GLU A 5 9.00 3.83 1.79
N ASN A 6 9.90 2.93 1.42
CA ASN A 6 9.51 1.71 0.73
C ASN A 6 8.53 0.91 1.59
N GLY A 7 8.79 0.88 2.91
CA GLY A 7 7.95 0.15 3.84
C GLY A 7 7.51 1.06 4.98
N ASP A 8 6.58 1.95 4.70
CA ASP A 8 6.08 2.88 5.71
C ASP A 8 5.45 2.12 6.86
N CYS A 9 4.64 1.11 6.53
CA CYS A 9 3.98 0.31 7.54
C CYS A 9 5.01 -0.40 8.41
N ALA A 10 6.05 -0.92 7.76
CA ALA A 10 7.11 -1.62 8.45
C ALA A 10 8.28 -1.88 7.51
N ALA A 11 9.44 -2.20 8.07
CA ALA A 11 10.62 -2.46 7.25
C ALA A 11 10.38 -3.66 6.33
N ASP A 12 9.70 -4.68 6.85
CA ASP A 12 9.43 -5.88 6.06
C ASP A 12 8.08 -5.79 5.34
N GLU A 13 7.49 -4.59 5.32
CA GLU A 13 6.20 -4.37 4.66
C GLU A 13 6.33 -3.35 3.54
N CYS A 14 5.36 -3.38 2.61
CA CYS A 14 5.35 -2.47 1.47
C CYS A 14 4.31 -1.37 1.67
N CYS A 15 4.52 -0.24 1.01
CA CYS A 15 3.59 0.90 1.11
C CYS A 15 3.55 1.63 -0.22
N VAL A 16 2.35 1.84 -0.76
CA VAL A 16 2.22 2.53 -2.04
C VAL A 16 0.88 3.26 -2.10
N ASP A 17 0.92 4.53 -2.48
CA ASP A 17 -0.29 5.34 -2.58
C ASP A 17 -0.67 5.59 -4.03
N THR A 18 -1.90 5.20 -4.38
CA THR A 18 -2.41 5.38 -5.74
C THR A 18 -3.51 6.44 -5.72
N VAL A 19 -3.81 7.00 -6.88
CA VAL A 19 -4.84 8.00 -6.99
C VAL A 19 -4.99 8.41 -8.44
N PHE A 20 -6.17 8.13 -8.96
CA PHE A 20 -6.51 8.45 -10.33
C PHE A 20 -7.28 9.75 -10.41
N GLU A 21 -8.41 9.80 -9.71
CA GLU A 21 -9.25 10.98 -9.73
C GLU A 21 -9.34 11.63 -8.35
N GLY A 22 -10.16 12.67 -8.28
CA GLY A 22 -10.34 13.40 -7.02
C GLY A 22 -11.54 12.87 -6.25
N ASP A 23 -12.36 12.05 -6.91
CA ASP A 23 -13.54 11.48 -6.29
C ASP A 23 -13.17 10.61 -5.09
N MET A 24 -12.14 9.78 -5.27
CA MET A 24 -11.69 8.88 -4.20
C MET A 24 -10.23 8.53 -4.38
N VAL A 25 -9.52 8.38 -3.25
CA VAL A 25 -8.10 8.02 -3.27
C VAL A 25 -7.90 6.57 -2.83
N THR A 26 -6.94 5.91 -3.46
CA THR A 26 -6.63 4.51 -3.16
C THR A 26 -5.23 4.36 -2.57
N ARG A 27 -5.14 3.61 -1.47
CA ARG A 27 -3.85 3.38 -0.81
C ARG A 27 -3.68 1.89 -0.50
N SER A 28 -2.43 1.43 -0.38
CA SER A 28 -2.17 0.02 -0.09
C SER A 28 -0.96 -0.13 0.81
N CYS A 29 -1.01 -1.14 1.68
CA CYS A 29 0.08 -1.41 2.61
C CYS A 29 -0.18 -2.71 3.36
N GLU A 30 0.70 -3.69 3.17
CA GLU A 30 0.53 -4.98 3.83
C GLU A 30 1.14 -4.96 5.23
N LYS A 31 0.62 -5.83 6.10
CA LYS A 31 1.11 -5.91 7.48
C LYS A 31 1.60 -7.33 7.77
N THR A 32 2.66 -7.44 8.57
CA THR A 32 3.22 -8.74 8.90
C THR A 32 2.55 -9.32 10.14
N THR A 33 1.94 -10.48 9.97
CA THR A 33 1.26 -11.15 11.08
C THR A 33 1.21 -12.64 10.85
N GLY A 34 2.32 -13.27 11.20
CA GLY A 34 2.41 -14.71 11.07
C GLY A 34 2.70 -15.09 9.61
N ASN A 35 2.71 -14.09 8.74
CA ASN A 35 2.97 -14.33 7.32
C ASN A 35 3.43 -13.04 6.65
N PHE A 36 4.27 -13.16 5.63
CA PHE A 36 4.80 -12.02 4.90
C PHE A 36 4.09 -11.88 3.56
N THR A 37 3.80 -10.63 3.18
CA THR A 37 3.13 -10.36 1.91
C THR A 37 3.36 -8.91 1.49
N GLU A 38 3.89 -8.74 0.28
CA GLU A 38 4.18 -7.41 -0.26
C GLU A 38 2.92 -6.79 -0.86
N CYS A 39 2.99 -5.48 -1.11
CA CYS A 39 1.86 -4.77 -1.70
C CYS A 39 1.55 -5.32 -3.10
N PRO A 40 0.31 -5.26 -3.54
CA PRO A 40 -0.07 -5.78 -4.88
C PRO A 40 0.35 -4.84 -6.01
N GLY A 41 0.82 -5.41 -7.11
CA GLY A 41 1.26 -4.63 -8.25
C GLY A 41 0.10 -3.82 -8.82
N LEU A 42 -1.08 -4.44 -8.89
CA LEU A 42 -2.27 -3.79 -9.42
C LEU A 42 -3.30 -3.61 -8.31
N THR A 43 -4.03 -2.49 -8.35
CA THR A 43 -5.05 -2.21 -7.35
C THR A 43 -6.24 -3.14 -7.52
N PRO A 44 -6.94 -3.49 -6.45
CA PRO A 44 -8.13 -4.40 -6.53
C PRO A 44 -9.34 -3.69 -7.15
N ILE A 45 -9.18 -2.41 -7.46
CA ILE A 45 -10.27 -1.63 -8.03
C ILE A 45 -10.84 -2.33 -9.27
N ALA A 46 -12.16 -2.45 -9.31
CA ALA A 46 -12.82 -3.10 -10.43
C ALA A 46 -12.46 -2.40 -11.74
N GLY A 1 -2.91 6.09 5.63
CA GLY A 1 -1.87 7.17 5.70
C GLY A 1 -0.97 7.08 4.47
N LEU A 2 -0.31 8.19 4.16
CA LEU A 2 0.59 8.23 3.00
C LEU A 2 1.83 7.40 3.27
N CYS A 3 2.40 6.83 2.21
CA CYS A 3 3.60 6.01 2.34
C CYS A 3 4.84 6.90 2.41
N SER A 4 5.45 6.96 3.59
CA SER A 4 6.66 7.76 3.76
C SER A 4 7.76 7.24 2.87
N GLU A 5 7.88 5.92 2.83
CA GLU A 5 8.91 5.26 2.04
C GLU A 5 8.36 3.98 1.42
N ASN A 6 9.25 3.15 0.90
CA ASN A 6 8.83 1.90 0.28
C ASN A 6 8.11 1.02 1.30
N GLY A 7 8.61 1.01 2.53
CA GLY A 7 8.01 0.22 3.60
C GLY A 7 7.63 1.11 4.78
N ASP A 8 6.68 2.00 4.53
CA ASP A 8 6.22 2.92 5.58
C ASP A 8 5.63 2.15 6.75
N CYS A 9 4.81 1.16 6.45
CA CYS A 9 4.21 0.34 7.49
C CYS A 9 5.27 -0.39 8.28
N ALA A 10 6.26 -0.91 7.56
CA ALA A 10 7.37 -1.63 8.17
C ALA A 10 8.44 -1.92 7.12
N ALA A 11 9.63 -2.30 7.58
CA ALA A 11 10.72 -2.59 6.66
C ALA A 11 10.35 -3.74 5.72
N ASP A 12 9.71 -4.76 6.26
CA ASP A 12 9.31 -5.91 5.45
C ASP A 12 7.98 -5.65 4.73
N GLU A 13 7.11 -4.87 5.35
CA GLU A 13 5.81 -4.56 4.76
C GLU A 13 5.95 -3.56 3.61
N CYS A 14 5.00 -3.61 2.67
CA CYS A 14 5.01 -2.70 1.52
C CYS A 14 4.02 -1.56 1.74
N CYS A 15 4.25 -0.44 1.06
CA CYS A 15 3.36 0.71 1.17
C CYS A 15 3.39 1.50 -0.12
N VAL A 16 2.21 1.82 -0.65
CA VAL A 16 2.13 2.56 -1.91
C VAL A 16 0.85 3.40 -1.95
N ASP A 17 1.01 4.67 -2.31
CA ASP A 17 -0.14 5.58 -2.39
C ASP A 17 -0.67 5.66 -3.82
N THR A 18 -1.92 5.28 -4.00
CA THR A 18 -2.56 5.32 -5.32
C THR A 18 -3.56 6.46 -5.39
N VAL A 19 -3.92 6.84 -6.61
CA VAL A 19 -4.86 7.91 -6.84
C VAL A 19 -5.00 8.13 -8.33
N PHE A 20 -6.22 7.95 -8.78
CA PHE A 20 -6.57 8.08 -10.18
C PHE A 20 -7.08 9.48 -10.50
N GLU A 21 -8.38 9.63 -10.46
CA GLU A 21 -9.04 10.89 -10.78
C GLU A 21 -8.99 11.85 -9.58
N GLY A 22 -8.74 11.31 -8.39
CA GLY A 22 -8.67 12.14 -7.18
C GLY A 22 -10.02 12.21 -6.49
N ASP A 23 -11.05 11.69 -7.14
CA ASP A 23 -12.38 11.69 -6.54
C ASP A 23 -12.36 10.93 -5.22
N MET A 24 -11.65 9.80 -5.24
CA MET A 24 -11.51 8.97 -4.05
C MET A 24 -10.10 8.39 -4.01
N VAL A 25 -9.25 8.94 -3.14
CA VAL A 25 -7.88 8.47 -3.04
C VAL A 25 -7.83 7.05 -2.49
N THR A 26 -6.83 6.29 -2.97
CA THR A 26 -6.65 4.90 -2.55
C THR A 26 -5.25 4.67 -2.02
N ARG A 27 -5.16 3.96 -0.89
CA ARG A 27 -3.86 3.67 -0.26
C ARG A 27 -3.78 2.17 0.05
N SER A 28 -2.57 1.60 -0.05
CA SER A 28 -2.37 0.18 0.22
C SER A 28 -1.16 -0.03 1.11
N CYS A 29 -1.24 -1.03 1.99
CA CYS A 29 -0.13 -1.34 2.89
C CYS A 29 -0.42 -2.63 3.65
N GLU A 30 0.39 -3.65 3.42
CA GLU A 30 0.21 -4.93 4.08
C GLU A 30 0.76 -4.89 5.50
N LYS A 31 0.21 -5.74 6.37
CA LYS A 31 0.65 -5.81 7.76
C LYS A 31 1.24 -7.19 8.06
N THR A 32 2.29 -7.22 8.86
CA THR A 32 2.93 -8.48 9.22
C THR A 32 2.00 -9.32 10.08
N THR A 33 1.77 -10.56 9.64
CA THR A 33 0.91 -11.48 10.37
C THR A 33 1.33 -12.90 10.13
N GLY A 34 2.25 -13.37 10.98
CA GLY A 34 2.72 -14.72 10.87
C GLY A 34 3.63 -14.89 9.66
N ASN A 35 3.18 -14.38 8.51
CA ASN A 35 3.97 -14.46 7.28
C ASN A 35 3.98 -13.11 6.57
N PHE A 36 5.14 -12.73 6.05
CA PHE A 36 5.29 -11.46 5.37
C PHE A 36 4.82 -11.57 3.91
N THR A 37 4.26 -10.49 3.39
CA THR A 37 3.76 -10.47 2.02
C THR A 37 4.23 -9.19 1.31
N GLU A 38 3.39 -8.67 0.43
CA GLU A 38 3.71 -7.45 -0.31
C GLU A 38 2.45 -6.77 -0.81
N CYS A 39 2.55 -5.47 -1.10
CA CYS A 39 1.41 -4.71 -1.59
C CYS A 39 0.86 -5.36 -2.87
N PRO A 40 -0.42 -5.20 -3.14
CA PRO A 40 -1.06 -5.81 -4.35
C PRO A 40 -0.68 -5.07 -5.63
N GLY A 41 -0.35 -5.84 -6.66
CA GLY A 41 0.03 -5.26 -7.95
C GLY A 41 -1.15 -4.52 -8.57
N LEU A 42 -2.34 -5.08 -8.42
CA LEU A 42 -3.56 -4.47 -8.96
C LEU A 42 -4.37 -3.82 -7.85
N THR A 43 -5.00 -2.69 -8.17
CA THR A 43 -5.80 -1.96 -7.19
C THR A 43 -6.95 -2.85 -6.68
N PRO A 44 -7.29 -2.78 -5.42
CA PRO A 44 -8.39 -3.61 -4.84
C PRO A 44 -9.76 -3.10 -5.28
N ILE A 45 -9.77 -1.92 -5.89
CA ILE A 45 -11.02 -1.33 -6.34
C ILE A 45 -11.68 -2.23 -7.39
N ALA A 46 -10.89 -2.73 -8.31
CA ALA A 46 -11.40 -3.61 -9.36
C ALA A 46 -10.25 -4.20 -10.18
N GLY A 1 1.19 12.50 2.63
CA GLY A 1 0.32 11.30 2.66
C GLY A 1 0.97 10.16 1.88
N LEU A 2 1.83 10.52 0.94
CA LEU A 2 2.52 9.53 0.12
C LEU A 2 3.58 8.80 0.96
N CYS A 3 3.70 7.50 0.75
CA CYS A 3 4.69 6.72 1.48
C CYS A 3 6.08 6.96 0.92
N SER A 4 6.95 7.51 1.75
CA SER A 4 8.32 7.80 1.35
C SER A 4 9.03 6.52 0.95
N GLU A 5 8.83 5.49 1.77
CA GLU A 5 9.48 4.20 1.55
C GLU A 5 8.62 3.08 2.10
N ASN A 6 9.03 1.84 1.81
CA ASN A 6 8.29 0.67 2.28
C ASN A 6 8.34 0.59 3.80
N GLY A 7 9.24 1.35 4.40
CA GLY A 7 9.39 1.36 5.85
C GLY A 7 8.18 2.00 6.53
N ASP A 8 7.30 2.61 5.73
CA ASP A 8 6.12 3.25 6.29
C ASP A 8 5.41 2.32 7.26
N CYS A 9 4.69 1.34 6.72
CA CYS A 9 3.99 0.39 7.58
C CYS A 9 4.99 -0.39 8.42
N ALA A 10 6.07 -0.81 7.78
CA ALA A 10 7.13 -1.56 8.45
C ALA A 10 8.30 -1.78 7.49
N ALA A 11 9.44 -2.19 8.02
CA ALA A 11 10.62 -2.41 7.19
C ALA A 11 10.36 -3.52 6.17
N ASP A 12 9.68 -4.58 6.61
CA ASP A 12 9.39 -5.71 5.72
C ASP A 12 8.13 -5.45 4.89
N GLU A 13 7.19 -4.69 5.46
CA GLU A 13 5.94 -4.39 4.76
C GLU A 13 6.16 -3.35 3.68
N CYS A 14 5.25 -3.35 2.69
CA CYS A 14 5.32 -2.40 1.56
C CYS A 14 4.21 -1.37 1.66
N CYS A 15 4.41 -0.22 1.02
CA CYS A 15 3.42 0.85 1.03
C CYS A 15 3.42 1.59 -0.29
N VAL A 16 2.25 1.82 -0.86
CA VAL A 16 2.16 2.52 -2.12
C VAL A 16 0.81 3.22 -2.23
N ASP A 17 0.84 4.55 -2.33
CA ASP A 17 -0.38 5.34 -2.42
C ASP A 17 -0.74 5.64 -3.87
N THR A 18 -1.90 5.16 -4.30
CA THR A 18 -2.38 5.39 -5.65
C THR A 18 -3.47 6.45 -5.64
N VAL A 19 -3.77 7.02 -6.80
CA VAL A 19 -4.78 8.04 -6.91
C VAL A 19 -4.91 8.47 -8.36
N PHE A 20 -6.08 8.21 -8.89
CA PHE A 20 -6.39 8.53 -10.27
C PHE A 20 -7.20 9.82 -10.36
N GLU A 21 -8.41 9.79 -9.80
CA GLU A 21 -9.30 10.93 -9.85
C GLU A 21 -9.41 11.63 -8.51
N GLY A 22 -10.26 12.64 -8.47
CA GLY A 22 -10.47 13.43 -7.25
C GLY A 22 -11.66 12.90 -6.46
N ASP A 23 -12.44 12.02 -7.08
CA ASP A 23 -13.61 11.46 -6.43
C ASP A 23 -13.22 10.69 -5.17
N MET A 24 -12.14 9.92 -5.28
CA MET A 24 -11.66 9.13 -4.15
C MET A 24 -10.18 8.82 -4.29
N VAL A 25 -9.56 8.35 -3.21
CA VAL A 25 -8.13 8.01 -3.20
C VAL A 25 -7.93 6.57 -2.77
N THR A 26 -6.99 5.89 -3.43
CA THR A 26 -6.68 4.50 -3.14
C THR A 26 -5.30 4.35 -2.50
N ARG A 27 -5.24 3.61 -1.39
CA ARG A 27 -3.98 3.38 -0.67
C ARG A 27 -3.80 1.90 -0.37
N SER A 28 -2.55 1.42 -0.36
CA SER A 28 -2.29 0.00 -0.08
C SER A 28 -1.09 -0.14 0.86
N CYS A 29 -1.14 -1.17 1.70
CA CYS A 29 -0.06 -1.43 2.64
C CYS A 29 -0.34 -2.73 3.39
N GLU A 30 0.53 -3.72 3.22
CA GLU A 30 0.36 -5.01 3.87
C GLU A 30 0.90 -4.98 5.30
N LYS A 31 0.37 -5.87 6.14
CA LYS A 31 0.80 -5.97 7.54
C LYS A 31 1.40 -7.34 7.80
N THR A 32 2.43 -7.38 8.65
CA THR A 32 3.08 -8.65 8.96
C THR A 32 2.28 -9.43 10.00
N THR A 33 1.93 -10.66 9.65
CA THR A 33 1.16 -11.52 10.55
C THR A 33 1.43 -12.97 10.26
N GLY A 34 2.44 -13.49 10.93
CA GLY A 34 2.80 -14.87 10.75
C GLY A 34 3.46 -15.09 9.40
N ASN A 35 2.92 -14.45 8.37
CA ASN A 35 3.46 -14.56 7.01
C ASN A 35 3.54 -13.17 6.37
N PHE A 36 4.62 -12.93 5.64
CA PHE A 36 4.82 -11.64 4.98
C PHE A 36 4.09 -11.60 3.64
N THR A 37 3.63 -10.41 3.27
CA THR A 37 2.92 -10.23 2.01
C THR A 37 3.21 -8.84 1.45
N GLU A 38 3.79 -8.79 0.26
CA GLU A 38 4.13 -7.52 -0.38
C GLU A 38 2.88 -6.82 -0.91
N CYS A 39 2.98 -5.51 -1.09
CA CYS A 39 1.86 -4.72 -1.61
C CYS A 39 1.53 -5.15 -3.04
N PRO A 40 0.29 -5.05 -3.45
CA PRO A 40 -0.12 -5.45 -4.84
C PRO A 40 0.31 -4.41 -5.87
N GLY A 41 0.79 -4.89 -7.01
CA GLY A 41 1.22 -4.01 -8.09
C GLY A 41 0.05 -3.18 -8.62
N LEU A 42 -1.11 -3.83 -8.74
CA LEU A 42 -2.32 -3.18 -9.22
C LEU A 42 -3.35 -3.07 -8.12
N THR A 43 -4.12 -1.99 -8.12
CA THR A 43 -5.14 -1.78 -7.10
C THR A 43 -6.29 -2.78 -7.28
N PRO A 44 -6.96 -3.18 -6.22
CA PRO A 44 -8.08 -4.16 -6.30
C PRO A 44 -9.36 -3.53 -6.86
N ILE A 45 -9.35 -2.20 -6.99
CA ILE A 45 -10.52 -1.50 -7.50
C ILE A 45 -10.97 -2.09 -8.84
N ALA A 46 -10.01 -2.61 -9.60
CA ALA A 46 -10.31 -3.21 -10.89
C ALA A 46 -9.11 -3.96 -11.44
N GLY A 1 -1.17 6.59 7.09
CA GLY A 1 -2.01 6.47 5.87
C GLY A 1 -1.12 6.56 4.63
N LEU A 2 -0.49 7.71 4.44
CA LEU A 2 0.39 7.91 3.29
C LEU A 2 1.68 7.13 3.47
N CYS A 3 2.27 6.68 2.36
CA CYS A 3 3.51 5.92 2.42
C CYS A 3 4.71 6.85 2.44
N SER A 4 5.36 6.94 3.61
CA SER A 4 6.53 7.79 3.76
C SER A 4 7.63 7.30 2.82
N GLU A 5 7.79 5.98 2.78
CA GLU A 5 8.81 5.35 1.96
C GLU A 5 8.30 4.03 1.41
N ASN A 6 9.21 3.22 0.87
CA ASN A 6 8.82 1.93 0.31
C ASN A 6 8.19 1.06 1.39
N GLY A 7 8.75 1.12 2.60
CA GLY A 7 8.25 0.33 3.72
C GLY A 7 7.82 1.27 4.86
N ASP A 8 6.84 2.10 4.57
CA ASP A 8 6.33 3.05 5.56
C ASP A 8 5.79 2.32 6.78
N CYS A 9 5.00 1.29 6.54
CA CYS A 9 4.42 0.51 7.63
C CYS A 9 5.52 -0.14 8.45
N ALA A 10 6.51 -0.67 7.75
CA ALA A 10 7.65 -1.33 8.40
C ALA A 10 8.73 -1.63 7.36
N ALA A 11 9.91 -1.99 7.83
CA ALA A 11 11.02 -2.30 6.93
C ALA A 11 10.66 -3.47 6.02
N ASP A 12 10.03 -4.49 6.58
CA ASP A 12 9.64 -5.67 5.82
C ASP A 12 8.33 -5.43 5.07
N GLU A 13 7.44 -4.67 5.68
CA GLU A 13 6.14 -4.37 5.08
C GLU A 13 6.30 -3.39 3.91
N CYS A 14 5.38 -3.46 2.95
CA CYS A 14 5.41 -2.57 1.78
C CYS A 14 4.32 -1.51 1.91
N CYS A 15 4.53 -0.37 1.28
CA CYS A 15 3.56 0.72 1.34
C CYS A 15 3.56 1.49 0.03
N VAL A 16 2.38 1.71 -0.55
CA VAL A 16 2.27 2.44 -1.81
C VAL A 16 0.97 3.22 -1.87
N ASP A 17 1.07 4.49 -2.25
CA ASP A 17 -0.12 5.35 -2.36
C ASP A 17 -0.56 5.47 -3.80
N THR A 18 -1.81 5.07 -4.07
CA THR A 18 -2.36 5.15 -5.43
C THR A 18 -3.39 6.26 -5.50
N VAL A 19 -3.75 6.65 -6.71
CA VAL A 19 -4.73 7.69 -6.93
C VAL A 19 -4.88 7.94 -8.40
N PHE A 20 -6.07 7.67 -8.88
CA PHE A 20 -6.42 7.84 -10.28
C PHE A 20 -7.12 9.18 -10.50
N GLU A 21 -8.22 9.38 -9.77
CA GLU A 21 -9.00 10.58 -9.91
C GLU A 21 -9.02 11.37 -8.61
N GLY A 22 -9.78 12.47 -8.63
CA GLY A 22 -9.91 13.34 -7.46
C GLY A 22 -11.11 12.95 -6.61
N ASP A 23 -11.97 12.10 -7.17
CA ASP A 23 -13.16 11.66 -6.46
C ASP A 23 -12.80 10.91 -5.19
N MET A 24 -11.83 10.01 -5.29
CA MET A 24 -11.40 9.22 -4.14
C MET A 24 -9.96 8.75 -4.31
N VAL A 25 -9.23 8.69 -3.19
CA VAL A 25 -7.83 8.26 -3.19
C VAL A 25 -7.72 6.83 -2.66
N THR A 26 -6.75 6.09 -3.20
CA THR A 26 -6.54 4.70 -2.79
C THR A 26 -5.10 4.48 -2.31
N ARG A 27 -4.96 3.69 -1.25
CA ARG A 27 -3.65 3.38 -0.69
C ARG A 27 -3.64 1.95 -0.15
N SER A 28 -2.44 1.39 0.04
CA SER A 28 -2.33 0.02 0.54
C SER A 28 -1.04 -0.16 1.33
N CYS A 29 -0.99 -1.21 2.14
CA CYS A 29 0.18 -1.50 2.95
C CYS A 29 0.06 -2.88 3.58
N GLU A 30 1.09 -3.70 3.39
CA GLU A 30 1.07 -5.06 3.94
C GLU A 30 1.35 -5.04 5.44
N LYS A 31 0.82 -6.05 6.13
CA LYS A 31 1.01 -6.17 7.57
C LYS A 31 1.52 -7.57 7.91
N THR A 32 2.47 -7.63 8.84
CA THR A 32 3.04 -8.91 9.24
C THR A 32 2.03 -9.71 10.06
N THR A 33 0.98 -10.18 9.39
CA THR A 33 -0.06 -10.96 10.05
C THR A 33 0.40 -12.37 10.25
N GLY A 34 1.63 -12.47 10.71
CA GLY A 34 2.22 -13.76 10.97
C GLY A 34 2.77 -14.35 9.68
N ASN A 35 2.60 -13.61 8.59
CA ASN A 35 3.09 -14.03 7.28
C ASN A 35 3.45 -12.81 6.45
N PHE A 36 4.52 -12.92 5.66
CA PHE A 36 4.97 -11.82 4.83
C PHE A 36 4.38 -11.94 3.42
N THR A 37 3.93 -10.81 2.87
CA THR A 37 3.35 -10.78 1.54
C THR A 37 3.92 -9.61 0.76
N GLU A 38 3.12 -9.08 -0.16
CA GLU A 38 3.55 -7.94 -0.98
C GLU A 38 2.38 -7.01 -1.27
N CYS A 39 2.65 -5.71 -1.29
CA CYS A 39 1.61 -4.72 -1.57
C CYS A 39 1.11 -4.90 -3.00
N PRO A 40 -0.14 -4.57 -3.27
CA PRO A 40 -0.70 -4.71 -4.64
C PRO A 40 -0.17 -3.66 -5.60
N GLY A 41 0.28 -4.11 -6.76
CA GLY A 41 0.82 -3.22 -7.78
C GLY A 41 -0.26 -2.30 -8.32
N LEU A 42 -1.45 -2.86 -8.52
CA LEU A 42 -2.59 -2.10 -9.05
C LEU A 42 -3.74 -2.09 -8.05
N THR A 43 -4.53 -1.02 -8.08
CA THR A 43 -5.66 -0.88 -7.17
C THR A 43 -6.76 -1.88 -7.55
N PRO A 44 -7.56 -2.34 -6.60
CA PRO A 44 -8.65 -3.31 -6.90
C PRO A 44 -9.82 -2.64 -7.62
N ILE A 45 -9.75 -1.32 -7.74
CA ILE A 45 -10.80 -0.55 -8.39
C ILE A 45 -10.96 -1.02 -9.84
N ALA A 46 -12.19 -1.33 -10.22
CA ALA A 46 -12.48 -1.78 -11.58
C ALA A 46 -12.41 -0.61 -12.56
N GLY A 1 -3.59 6.54 5.25
CA GLY A 1 -2.18 6.83 5.69
C GLY A 1 -1.26 6.76 4.48
N LEU A 2 -0.67 7.90 4.14
CA LEU A 2 0.25 7.97 3.01
C LEU A 2 1.53 7.21 3.31
N CYS A 3 2.13 6.61 2.29
CA CYS A 3 3.36 5.85 2.47
C CYS A 3 4.57 6.79 2.50
N SER A 4 5.22 6.85 3.66
CA SER A 4 6.40 7.70 3.82
C SER A 4 7.49 7.24 2.88
N GLU A 5 7.65 5.91 2.80
CA GLU A 5 8.67 5.30 1.97
C GLU A 5 8.13 4.01 1.35
N ASN A 6 9.03 3.18 0.84
CA ASN A 6 8.63 1.93 0.22
C ASN A 6 7.88 1.05 1.23
N GLY A 7 8.36 1.05 2.47
CA GLY A 7 7.73 0.25 3.53
C GLY A 7 7.38 1.14 4.72
N ASP A 8 6.45 2.06 4.51
CA ASP A 8 6.03 2.96 5.58
C ASP A 8 5.43 2.18 6.74
N CYS A 9 4.63 1.17 6.42
CA CYS A 9 4.00 0.36 7.46
C CYS A 9 5.08 -0.34 8.28
N ALA A 10 6.09 -0.85 7.59
CA ALA A 10 7.20 -1.52 8.24
C ALA A 10 8.34 -1.71 7.23
N ALA A 11 9.54 -2.01 7.74
CA ALA A 11 10.69 -2.20 6.87
C ALA A 11 10.47 -3.35 5.90
N ASP A 12 9.88 -4.44 6.38
CA ASP A 12 9.63 -5.62 5.54
C ASP A 12 8.30 -5.48 4.79
N GLU A 13 7.35 -4.78 5.38
CA GLU A 13 6.04 -4.60 4.77
C GLU A 13 6.12 -3.61 3.60
N CYS A 14 5.13 -3.69 2.70
CA CYS A 14 5.08 -2.80 1.54
C CYS A 14 4.06 -1.69 1.76
N CYS A 15 4.30 -0.54 1.15
CA CYS A 15 3.39 0.59 1.27
C CYS A 15 3.45 1.42 0.00
N VAL A 16 2.30 1.63 -0.63
CA VAL A 16 2.24 2.41 -1.86
C VAL A 16 0.95 3.20 -1.93
N ASP A 17 1.07 4.49 -2.26
CA ASP A 17 -0.09 5.36 -2.36
C ASP A 17 -0.59 5.45 -3.80
N THR A 18 -1.85 5.06 -4.01
CA THR A 18 -2.45 5.11 -5.34
C THR A 18 -3.41 6.29 -5.43
N VAL A 19 -3.79 6.63 -6.66
CA VAL A 19 -4.73 7.72 -6.90
C VAL A 19 -4.88 7.91 -8.38
N PHE A 20 -6.11 7.72 -8.82
CA PHE A 20 -6.46 7.85 -10.22
C PHE A 20 -7.06 9.23 -10.50
N GLU A 21 -8.20 9.51 -9.89
CA GLU A 21 -8.90 10.76 -10.10
C GLU A 21 -8.88 11.63 -8.85
N GLY A 22 -9.61 12.74 -8.91
CA GLY A 22 -9.67 13.67 -7.78
C GLY A 22 -10.87 13.39 -6.87
N ASP A 23 -11.78 12.55 -7.33
CA ASP A 23 -12.97 12.23 -6.55
C ASP A 23 -12.59 11.56 -5.23
N MET A 24 -11.58 10.69 -5.28
CA MET A 24 -11.13 9.98 -4.09
C MET A 24 -9.70 9.49 -4.25
N VAL A 25 -9.10 9.06 -3.14
CA VAL A 25 -7.73 8.55 -3.14
C VAL A 25 -7.68 7.14 -2.55
N THR A 26 -6.76 6.33 -3.08
CA THR A 26 -6.60 4.95 -2.65
C THR A 26 -5.16 4.67 -2.21
N ARG A 27 -5.01 3.85 -1.17
CA ARG A 27 -3.69 3.49 -0.64
C ARG A 27 -3.65 2.01 -0.30
N SER A 28 -2.45 1.43 -0.33
CA SER A 28 -2.28 0.00 -0.03
C SER A 28 -1.11 -0.22 0.94
N CYS A 29 -1.21 -1.28 1.74
CA CYS A 29 -0.17 -1.61 2.70
C CYS A 29 -0.54 -2.93 3.40
N GLU A 30 0.39 -3.89 3.41
CA GLU A 30 0.12 -5.19 4.03
C GLU A 30 0.89 -5.35 5.34
N LYS A 31 0.18 -5.75 6.38
CA LYS A 31 0.79 -5.94 7.69
C LYS A 31 1.37 -7.34 7.82
N THR A 32 2.44 -7.48 8.61
CA THR A 32 3.09 -8.78 8.81
C THR A 32 2.55 -9.45 10.07
N THR A 33 2.02 -10.66 9.91
CA THR A 33 1.48 -11.41 11.04
C THR A 33 1.71 -12.89 10.86
N GLY A 34 2.89 -13.31 11.25
CA GLY A 34 3.26 -14.70 11.17
C GLY A 34 3.64 -15.09 9.75
N ASN A 35 3.46 -14.14 8.83
CA ASN A 35 3.80 -14.36 7.42
C ASN A 35 4.07 -13.04 6.72
N PHE A 36 4.95 -13.07 5.72
CA PHE A 36 5.31 -11.88 4.98
C PHE A 36 4.55 -11.83 3.66
N THR A 37 4.06 -10.64 3.30
CA THR A 37 3.31 -10.47 2.07
C THR A 37 3.47 -9.04 1.54
N GLU A 38 4.03 -8.92 0.35
CA GLU A 38 4.23 -7.63 -0.27
C GLU A 38 2.91 -7.06 -0.78
N CYS A 39 2.87 -5.76 -1.02
CA CYS A 39 1.66 -5.13 -1.52
C CYS A 39 1.16 -5.87 -2.77
N PRO A 40 -0.10 -5.77 -3.13
CA PRO A 40 -0.63 -6.49 -4.32
C PRO A 40 0.13 -6.14 -5.60
N GLY A 41 -0.06 -6.98 -6.60
CA GLY A 41 0.59 -6.78 -7.89
C GLY A 41 -0.02 -5.59 -8.61
N LEU A 42 -1.34 -5.48 -8.52
CA LEU A 42 -2.09 -4.38 -9.16
C LEU A 42 -2.88 -3.62 -8.11
N THR A 43 -3.25 -2.38 -8.42
CA THR A 43 -4.01 -1.56 -7.50
C THR A 43 -5.37 -2.22 -7.21
N PRO A 44 -5.92 -2.05 -6.02
CA PRO A 44 -7.23 -2.65 -5.64
C PRO A 44 -8.43 -1.96 -6.28
N ILE A 45 -8.22 -0.74 -6.77
CA ILE A 45 -9.30 0.01 -7.39
C ILE A 45 -10.15 -0.88 -8.29
N ALA A 46 -11.42 -0.49 -8.47
CA ALA A 46 -12.32 -1.26 -9.31
C ALA A 46 -13.65 -0.52 -9.48
N GLY A 1 -1.12 7.85 6.97
CA GLY A 1 -1.82 7.17 5.85
C GLY A 1 -0.94 7.16 4.62
N LEU A 2 -0.27 8.28 4.38
CA LEU A 2 0.62 8.39 3.21
C LEU A 2 1.85 7.53 3.41
N CYS A 3 2.38 7.00 2.31
CA CYS A 3 3.57 6.16 2.37
C CYS A 3 4.84 7.00 2.35
N SER A 4 5.51 7.07 3.50
CA SER A 4 6.74 7.85 3.61
C SER A 4 7.78 7.30 2.65
N GLU A 5 7.87 5.98 2.63
CA GLU A 5 8.83 5.28 1.79
C GLU A 5 8.23 3.99 1.26
N ASN A 6 9.08 3.12 0.71
CA ASN A 6 8.59 1.86 0.15
C ASN A 6 7.92 1.04 1.26
N GLY A 7 8.51 1.08 2.45
CA GLY A 7 7.97 0.33 3.60
C GLY A 7 7.61 1.30 4.73
N ASP A 8 6.68 2.20 4.46
CA ASP A 8 6.25 3.17 5.45
C ASP A 8 5.68 2.47 6.68
N CYS A 9 4.86 1.46 6.44
CA CYS A 9 4.25 0.71 7.53
C CYS A 9 5.34 0.04 8.37
N ALA A 10 6.33 -0.50 7.69
CA ALA A 10 7.45 -1.16 8.34
C ALA A 10 8.56 -1.46 7.33
N ALA A 11 9.74 -1.82 7.81
CA ALA A 11 10.86 -2.12 6.92
C ALA A 11 10.52 -3.29 6.01
N ASP A 12 9.87 -4.31 6.55
CA ASP A 12 9.51 -5.49 5.76
C ASP A 12 8.18 -5.26 5.03
N GLU A 13 7.29 -4.48 5.64
CA GLU A 13 5.99 -4.20 5.04
C GLU A 13 6.13 -3.24 3.87
N CYS A 14 5.14 -3.25 2.98
CA CYS A 14 5.14 -2.38 1.80
C CYS A 14 4.05 -1.32 1.93
N CYS A 15 4.32 -0.13 1.38
CA CYS A 15 3.35 0.96 1.43
C CYS A 15 3.37 1.70 0.11
N VAL A 16 2.20 1.91 -0.49
CA VAL A 16 2.12 2.61 -1.76
C VAL A 16 0.81 3.37 -1.87
N ASP A 17 0.90 4.64 -2.25
CA ASP A 17 -0.28 5.49 -2.38
C ASP A 17 -0.77 5.54 -3.83
N THR A 18 -2.02 5.13 -4.04
CA THR A 18 -2.62 5.13 -5.37
C THR A 18 -3.58 6.31 -5.50
N VAL A 19 -3.97 6.60 -6.73
CA VAL A 19 -4.89 7.68 -7.00
C VAL A 19 -5.11 7.79 -8.50
N PHE A 20 -6.35 7.61 -8.87
CA PHE A 20 -6.76 7.64 -10.26
C PHE A 20 -7.25 9.03 -10.66
N GLU A 21 -8.56 9.20 -10.57
CA GLU A 21 -9.21 10.46 -10.94
C GLU A 21 -8.99 11.52 -9.87
N GLY A 22 -8.81 11.09 -8.63
CA GLY A 22 -8.58 12.02 -7.51
C GLY A 22 -9.86 12.24 -6.71
N ASP A 23 -11.00 11.82 -7.26
CA ASP A 23 -12.25 11.97 -6.55
C ASP A 23 -12.21 11.21 -5.23
N MET A 24 -11.58 10.03 -5.28
CA MET A 24 -11.43 9.18 -4.10
C MET A 24 -10.03 8.60 -4.06
N VAL A 25 -9.17 9.18 -3.22
CA VAL A 25 -7.79 8.70 -3.13
C VAL A 25 -7.75 7.33 -2.47
N THR A 26 -6.78 6.51 -2.89
CA THR A 26 -6.62 5.16 -2.37
C THR A 26 -5.21 4.92 -1.85
N ARG A 27 -5.12 4.23 -0.71
CA ARG A 27 -3.82 3.92 -0.09
C ARG A 27 -3.75 2.42 0.21
N SER A 28 -2.56 1.83 0.12
CA SER A 28 -2.40 0.40 0.39
C SER A 28 -1.19 0.13 1.29
N CYS A 29 -1.30 -0.91 2.10
CA CYS A 29 -0.22 -1.29 3.01
C CYS A 29 -0.60 -2.59 3.72
N GLU A 30 0.31 -3.56 3.73
CA GLU A 30 0.06 -4.85 4.36
C GLU A 30 0.86 -5.00 5.66
N LYS A 31 0.51 -6.02 6.44
CA LYS A 31 1.19 -6.27 7.72
C LYS A 31 1.62 -7.74 7.79
N THR A 32 2.74 -7.98 8.47
CA THR A 32 3.26 -9.34 8.61
C THR A 32 2.69 -10.01 9.85
N THR A 33 2.04 -11.16 9.64
CA THR A 33 1.45 -11.91 10.76
C THR A 33 1.51 -13.38 10.49
N GLY A 34 2.64 -13.96 10.82
CA GLY A 34 2.84 -15.38 10.65
C GLY A 34 3.14 -15.71 9.19
N ASN A 35 3.06 -14.70 8.34
CA ASN A 35 3.33 -14.87 6.91
C ASN A 35 3.74 -13.55 6.29
N PHE A 36 4.55 -13.61 5.24
CA PHE A 36 5.03 -12.42 4.56
C PHE A 36 4.23 -12.17 3.28
N THR A 37 3.95 -10.89 3.01
CA THR A 37 3.20 -10.52 1.83
C THR A 37 3.43 -9.04 1.52
N GLU A 38 3.75 -8.75 0.27
CA GLU A 38 4.00 -7.38 -0.16
C GLU A 38 2.70 -6.68 -0.56
N CYS A 39 2.78 -5.37 -0.77
CA CYS A 39 1.61 -4.59 -1.16
C CYS A 39 1.04 -5.14 -2.48
N PRO A 40 -0.24 -4.97 -2.73
CA PRO A 40 -0.88 -5.48 -3.98
C PRO A 40 -0.55 -4.59 -5.18
N GLY A 41 -0.20 -5.23 -6.29
CA GLY A 41 0.11 -4.50 -7.52
C GLY A 41 -1.10 -3.74 -8.03
N LEU A 42 -2.27 -4.38 -7.94
CA LEU A 42 -3.52 -3.77 -8.41
C LEU A 42 -4.41 -3.44 -7.22
N THR A 43 -5.11 -2.31 -7.32
CA THR A 43 -6.01 -1.88 -6.25
C THR A 43 -7.23 -2.80 -6.20
N PRO A 44 -7.83 -2.99 -5.05
CA PRO A 44 -9.02 -3.87 -4.89
C PRO A 44 -10.31 -3.25 -5.45
N ILE A 45 -10.27 -1.96 -5.72
CA ILE A 45 -11.44 -1.26 -6.24
C ILE A 45 -11.98 -1.97 -7.48
N ALA A 46 -11.11 -2.73 -8.14
CA ALA A 46 -11.51 -3.46 -9.35
C ALA A 46 -12.76 -4.27 -9.09
N GLY A 1 -2.28 10.75 4.28
CA GLY A 1 -2.07 9.29 4.51
C GLY A 1 -1.12 8.73 3.47
N LEU A 2 -0.14 9.55 3.08
CA LEU A 2 0.84 9.12 2.09
C LEU A 2 1.86 8.18 2.71
N CYS A 3 2.33 7.20 1.94
CA CYS A 3 3.30 6.25 2.43
C CYS A 3 4.60 6.95 2.82
N SER A 4 5.01 7.91 2.01
CA SER A 4 6.24 8.66 2.26
C SER A 4 7.45 7.81 1.90
N GLU A 5 7.32 6.50 2.10
CA GLU A 5 8.40 5.57 1.81
C GLU A 5 7.85 4.19 1.50
N ASN A 6 8.67 3.35 0.87
CA ASN A 6 8.25 2.00 0.51
C ASN A 6 7.88 1.19 1.75
N GLY A 7 8.66 1.34 2.81
CA GLY A 7 8.41 0.62 4.06
C GLY A 7 7.80 1.53 5.12
N ASP A 8 6.75 2.25 4.72
CA ASP A 8 6.09 3.16 5.64
C ASP A 8 5.53 2.41 6.84
N CYS A 9 4.79 1.34 6.56
CA CYS A 9 4.21 0.54 7.61
C CYS A 9 5.30 -0.11 8.45
N ALA A 10 6.32 -0.61 7.75
CA ALA A 10 7.46 -1.25 8.39
C ALA A 10 8.56 -1.50 7.37
N ALA A 11 9.74 -1.86 7.84
CA ALA A 11 10.86 -2.12 6.95
C ALA A 11 10.55 -3.29 6.00
N ASP A 12 9.93 -4.34 6.54
CA ASP A 12 9.59 -5.51 5.73
C ASP A 12 8.26 -5.31 5.00
N GLU A 13 7.37 -4.55 5.61
CA GLU A 13 6.06 -4.30 5.01
C GLU A 13 6.17 -3.32 3.85
N CYS A 14 5.17 -3.34 2.96
CA CYS A 14 5.16 -2.46 1.79
C CYS A 14 4.02 -1.44 1.90
N CYS A 15 4.27 -0.23 1.42
CA CYS A 15 3.27 0.83 1.45
C CYS A 15 3.29 1.60 0.13
N VAL A 16 2.14 1.74 -0.49
CA VAL A 16 2.05 2.44 -1.77
C VAL A 16 0.76 3.25 -1.85
N ASP A 17 0.89 4.51 -2.29
CA ASP A 17 -0.26 5.39 -2.41
C ASP A 17 -0.85 5.32 -3.81
N THR A 18 -2.14 4.97 -3.88
CA THR A 18 -2.85 4.88 -5.17
C THR A 18 -3.70 6.12 -5.36
N VAL A 19 -4.13 6.33 -6.60
CA VAL A 19 -4.97 7.45 -6.96
C VAL A 19 -5.22 7.44 -8.45
N PHE A 20 -6.48 7.34 -8.78
CA PHE A 20 -6.94 7.28 -10.15
C PHE A 20 -7.35 8.66 -10.67
N GLU A 21 -8.63 8.94 -10.56
CA GLU A 21 -9.19 10.20 -11.04
C GLU A 21 -8.89 11.34 -10.06
N GLY A 22 -8.61 11.00 -8.79
CA GLY A 22 -8.31 12.01 -7.78
C GLY A 22 -9.55 12.38 -6.99
N ASP A 23 -10.71 11.89 -7.43
CA ASP A 23 -11.96 12.18 -6.73
C ASP A 23 -11.86 11.66 -5.30
N MET A 24 -11.30 10.47 -5.16
CA MET A 24 -11.11 9.83 -3.86
C MET A 24 -9.78 9.09 -3.85
N VAL A 25 -8.82 9.60 -3.08
CA VAL A 25 -7.51 8.98 -3.02
C VAL A 25 -7.57 7.63 -2.31
N THR A 26 -6.68 6.73 -2.72
CA THR A 26 -6.63 5.39 -2.14
C THR A 26 -5.20 5.00 -1.78
N ARG A 27 -5.05 4.25 -0.68
CA ARG A 27 -3.74 3.81 -0.22
C ARG A 27 -3.78 2.32 0.11
N SER A 28 -2.60 1.70 0.23
CA SER A 28 -2.53 0.27 0.53
C SER A 28 -1.28 -0.06 1.34
N CYS A 29 -1.37 -1.09 2.17
CA CYS A 29 -0.25 -1.52 2.99
C CYS A 29 -0.59 -2.86 3.65
N GLU A 30 0.37 -3.80 3.62
CA GLU A 30 0.15 -5.13 4.20
C GLU A 30 1.01 -5.36 5.43
N LYS A 31 0.40 -5.90 6.48
CA LYS A 31 1.12 -6.19 7.72
C LYS A 31 1.76 -7.57 7.66
N THR A 32 2.93 -7.71 8.27
CA THR A 32 3.64 -9.00 8.27
C THR A 32 3.29 -9.79 9.53
N THR A 33 2.43 -10.78 9.37
CA THR A 33 2.01 -11.64 10.48
C THR A 33 1.91 -13.06 10.03
N GLY A 34 2.61 -13.92 10.74
CA GLY A 34 2.59 -15.32 10.43
C GLY A 34 3.29 -15.59 9.10
N ASN A 35 2.71 -15.06 8.02
CA ASN A 35 3.27 -15.23 6.68
C ASN A 35 3.54 -13.86 6.06
N PHE A 36 4.58 -13.78 5.24
CA PHE A 36 4.94 -12.53 4.58
C PHE A 36 3.96 -12.21 3.46
N THR A 37 3.71 -10.91 3.26
CA THR A 37 2.80 -10.47 2.23
C THR A 37 3.12 -9.04 1.79
N GLU A 38 3.40 -8.88 0.51
CA GLU A 38 3.74 -7.56 -0.03
C GLU A 38 2.49 -6.81 -0.46
N CYS A 39 2.64 -5.51 -0.68
CA CYS A 39 1.51 -4.67 -1.10
C CYS A 39 1.02 -5.12 -2.48
N PRO A 40 -0.26 -4.96 -2.78
CA PRO A 40 -0.83 -5.36 -4.09
C PRO A 40 -0.43 -4.41 -5.21
N GLY A 41 -0.10 -4.97 -6.36
CA GLY A 41 0.29 -4.17 -7.52
C GLY A 41 -0.90 -3.89 -8.42
N LEU A 42 -2.07 -4.40 -8.02
CA LEU A 42 -3.30 -4.21 -8.80
C LEU A 42 -4.30 -3.35 -8.03
N THR A 43 -5.05 -2.53 -8.77
CA THR A 43 -6.05 -1.65 -8.16
C THR A 43 -7.27 -1.50 -9.07
N PRO A 44 -7.97 -2.58 -9.31
CA PRO A 44 -9.18 -2.59 -10.18
C PRO A 44 -10.38 -1.94 -9.47
N ILE A 45 -10.24 -1.78 -8.16
CA ILE A 45 -11.31 -1.18 -7.37
C ILE A 45 -11.63 0.23 -7.86
N ALA A 46 -10.68 0.83 -8.57
CA ALA A 46 -10.87 2.17 -9.09
C ALA A 46 -9.82 2.49 -10.16
N GLY A 1 -3.23 9.73 4.14
CA GLY A 1 -2.09 8.98 4.75
C GLY A 1 -1.19 8.44 3.64
N LEU A 2 -0.28 9.28 3.17
CA LEU A 2 0.63 8.88 2.11
C LEU A 2 1.72 7.95 2.67
N CYS A 3 2.16 7.00 1.84
CA CYS A 3 3.18 6.06 2.27
C CYS A 3 4.48 6.78 2.61
N SER A 4 4.84 7.76 1.79
CA SER A 4 6.07 8.51 2.00
C SER A 4 7.29 7.66 1.65
N GLU A 5 7.20 6.37 1.94
CA GLU A 5 8.29 5.43 1.67
C GLU A 5 7.73 4.04 1.40
N ASN A 6 8.54 3.19 0.77
CA ASN A 6 8.11 1.83 0.45
C ASN A 6 7.77 1.05 1.72
N GLY A 7 8.59 1.23 2.75
CA GLY A 7 8.37 0.52 4.02
C GLY A 7 7.75 1.45 5.06
N ASP A 8 6.70 2.16 4.65
CA ASP A 8 6.03 3.08 5.55
C ASP A 8 5.45 2.34 6.74
N CYS A 9 4.72 1.27 6.48
CA CYS A 9 4.12 0.47 7.54
C CYS A 9 5.21 -0.16 8.39
N ALA A 10 6.24 -0.65 7.71
CA ALA A 10 7.36 -1.30 8.39
C ALA A 10 8.47 -1.59 7.38
N ALA A 11 9.64 -1.96 7.88
CA ALA A 11 10.77 -2.26 7.01
C ALA A 11 10.44 -3.44 6.08
N ASP A 12 9.79 -4.47 6.62
CA ASP A 12 9.44 -5.64 5.84
C ASP A 12 8.12 -5.43 5.09
N GLU A 13 7.23 -4.63 5.68
CA GLU A 13 5.93 -4.36 5.06
C GLU A 13 6.07 -3.39 3.89
N CYS A 14 5.11 -3.44 2.97
CA CYS A 14 5.13 -2.56 1.79
C CYS A 14 3.97 -1.56 1.86
N CYS A 15 4.22 -0.35 1.37
CA CYS A 15 3.20 0.70 1.35
C CYS A 15 3.24 1.42 0.02
N VAL A 16 2.09 1.51 -0.64
CA VAL A 16 2.04 2.16 -1.96
C VAL A 16 0.80 3.04 -2.06
N ASP A 17 1.01 4.29 -2.50
CA ASP A 17 -0.07 5.24 -2.65
C ASP A 17 -0.63 5.22 -4.07
N THR A 18 -1.95 5.29 -4.18
CA THR A 18 -2.63 5.30 -5.48
C THR A 18 -3.59 6.48 -5.55
N VAL A 19 -3.94 6.87 -6.76
CA VAL A 19 -4.85 7.97 -6.98
C VAL A 19 -5.01 8.18 -8.48
N PHE A 20 -6.23 8.02 -8.91
CA PHE A 20 -6.59 8.12 -10.31
C PHE A 20 -7.17 9.50 -10.66
N GLU A 21 -8.49 9.61 -10.57
CA GLU A 21 -9.16 10.85 -10.92
C GLU A 21 -8.88 11.93 -9.87
N GLY A 22 -8.76 11.49 -8.62
CA GLY A 22 -8.48 12.40 -7.51
C GLY A 22 -9.70 12.64 -6.64
N ASP A 23 -10.86 12.21 -7.11
CA ASP A 23 -12.09 12.37 -6.36
C ASP A 23 -11.98 11.63 -5.03
N MET A 24 -11.42 10.44 -5.09
CA MET A 24 -11.22 9.61 -3.91
C MET A 24 -9.84 8.96 -3.97
N VAL A 25 -8.97 9.29 -3.03
CA VAL A 25 -7.63 8.72 -3.01
C VAL A 25 -7.66 7.29 -2.50
N THR A 26 -6.72 6.49 -2.99
CA THR A 26 -6.62 5.08 -2.60
C THR A 26 -5.20 4.74 -2.16
N ARG A 27 -5.09 3.89 -1.14
CA ARG A 27 -3.78 3.47 -0.61
C ARG A 27 -3.85 2.02 -0.15
N SER A 28 -2.68 1.39 0.00
CA SER A 28 -2.64 -0.01 0.43
C SER A 28 -1.37 -0.29 1.23
N CYS A 29 -1.45 -1.28 2.11
CA CYS A 29 -0.31 -1.66 2.94
C CYS A 29 -0.60 -2.99 3.64
N GLU A 30 0.35 -3.92 3.57
CA GLU A 30 0.16 -5.24 4.19
C GLU A 30 0.93 -5.35 5.50
N LYS A 31 0.40 -6.15 6.42
CA LYS A 31 1.02 -6.35 7.74
C LYS A 31 1.64 -7.75 7.82
N THR A 32 2.75 -7.86 8.53
CA THR A 32 3.43 -9.14 8.69
C THR A 32 3.01 -9.82 9.99
N THR A 33 2.47 -11.04 9.88
CA THR A 33 2.03 -11.79 11.05
C THR A 33 2.15 -13.27 10.81
N GLY A 34 3.34 -13.77 11.04
CA GLY A 34 3.60 -15.18 10.87
C GLY A 34 3.79 -15.51 9.39
N ASN A 35 3.60 -14.51 8.55
CA ASN A 35 3.75 -14.68 7.11
C ASN A 35 4.02 -13.33 6.45
N PHE A 36 4.76 -13.35 5.35
CA PHE A 36 5.10 -12.12 4.63
C PHE A 36 4.16 -11.93 3.44
N THR A 37 3.74 -10.68 3.22
CA THR A 37 2.84 -10.35 2.13
C THR A 37 3.15 -8.96 1.60
N GLU A 38 3.54 -8.88 0.33
CA GLU A 38 3.87 -7.60 -0.28
C GLU A 38 2.61 -6.82 -0.63
N CYS A 39 2.75 -5.52 -0.82
CA CYS A 39 1.62 -4.67 -1.16
C CYS A 39 1.00 -5.13 -2.48
N PRO A 40 -0.29 -4.93 -2.67
CA PRO A 40 -0.98 -5.35 -3.93
C PRO A 40 -0.65 -4.43 -5.09
N GLY A 41 -0.35 -5.04 -6.24
CA GLY A 41 -0.03 -4.26 -7.44
C GLY A 41 -1.23 -3.44 -7.88
N LEU A 42 -2.42 -4.04 -7.80
CA LEU A 42 -3.65 -3.38 -8.20
C LEU A 42 -4.58 -3.20 -7.00
N THR A 43 -5.35 -2.12 -6.99
CA THR A 43 -6.27 -1.86 -5.89
C THR A 43 -7.41 -2.88 -5.90
N PRO A 44 -7.96 -3.22 -4.75
CA PRO A 44 -9.07 -4.21 -4.66
C PRO A 44 -10.39 -3.65 -5.18
N ILE A 45 -10.43 -2.34 -5.38
CA ILE A 45 -11.64 -1.68 -5.88
C ILE A 45 -12.30 -2.49 -6.99
N ALA A 46 -13.62 -2.56 -6.96
CA ALA A 46 -14.36 -3.31 -7.97
C ALA A 46 -14.10 -2.74 -9.37
N GLY A 1 -2.76 8.18 5.14
CA GLY A 1 -2.03 9.30 4.48
C GLY A 1 -1.07 8.73 3.44
N LEU A 2 -0.10 9.54 3.03
CA LEU A 2 0.87 9.11 2.03
C LEU A 2 1.87 8.14 2.65
N CYS A 3 2.32 7.16 1.87
CA CYS A 3 3.28 6.19 2.35
C CYS A 3 4.59 6.87 2.74
N SER A 4 5.01 7.83 1.92
CA SER A 4 6.26 8.54 2.17
C SER A 4 7.45 7.66 1.80
N GLU A 5 7.30 6.37 2.04
CA GLU A 5 8.36 5.41 1.75
C GLU A 5 7.78 4.03 1.48
N ASN A 6 8.56 3.17 0.83
CA ASN A 6 8.10 1.82 0.51
C ASN A 6 7.77 1.05 1.78
N GLY A 7 8.60 1.21 2.81
CA GLY A 7 8.39 0.52 4.09
C GLY A 7 7.75 1.44 5.11
N ASP A 8 6.71 2.15 4.70
CA ASP A 8 6.02 3.07 5.59
C ASP A 8 5.44 2.33 6.78
N CYS A 9 4.72 1.26 6.50
CA CYS A 9 4.12 0.46 7.57
C CYS A 9 5.22 -0.18 8.42
N ALA A 10 6.24 -0.68 7.73
CA ALA A 10 7.39 -1.31 8.40
C ALA A 10 8.45 -1.68 7.37
N ALA A 11 9.64 -2.01 7.85
CA ALA A 11 10.74 -2.37 6.96
C ALA A 11 10.40 -3.61 6.14
N ASP A 12 9.75 -4.58 6.76
CA ASP A 12 9.37 -5.83 6.09
C ASP A 12 7.97 -5.74 5.49
N GLU A 13 7.43 -4.52 5.41
CA GLU A 13 6.08 -4.31 4.86
C GLU A 13 6.15 -3.34 3.69
N CYS A 14 5.13 -3.38 2.82
CA CYS A 14 5.07 -2.51 1.64
C CYS A 14 3.94 -1.50 1.78
N CYS A 15 4.17 -0.28 1.27
CA CYS A 15 3.16 0.77 1.33
C CYS A 15 3.15 1.53 0.01
N VAL A 16 1.97 1.70 -0.58
CA VAL A 16 1.85 2.41 -1.85
C VAL A 16 0.54 3.19 -1.90
N ASP A 17 0.64 4.44 -2.32
CA ASP A 17 -0.55 5.31 -2.41
C ASP A 17 -1.16 5.25 -3.80
N THR A 18 -2.45 4.89 -3.85
CA THR A 18 -3.17 4.81 -5.12
C THR A 18 -4.03 6.06 -5.30
N VAL A 19 -4.40 6.33 -6.54
CA VAL A 19 -5.23 7.47 -6.86
C VAL A 19 -5.45 7.54 -8.36
N PHE A 20 -6.70 7.40 -8.71
CA PHE A 20 -7.12 7.43 -10.11
C PHE A 20 -7.08 8.85 -10.66
N GLU A 21 -8.22 9.53 -10.58
CA GLU A 21 -8.35 10.89 -11.09
C GLU A 21 -7.99 11.91 -10.01
N GLY A 22 -8.79 11.97 -8.96
CA GLY A 22 -8.55 12.91 -7.88
C GLY A 22 -9.80 13.10 -7.01
N ASP A 23 -10.93 12.59 -7.48
CA ASP A 23 -12.17 12.71 -6.73
C ASP A 23 -12.01 12.06 -5.37
N MET A 24 -11.36 10.90 -5.37
CA MET A 24 -11.12 10.15 -4.14
C MET A 24 -9.79 9.42 -4.26
N VAL A 25 -9.04 9.41 -3.16
CA VAL A 25 -7.73 8.76 -3.15
C VAL A 25 -7.80 7.41 -2.47
N THR A 26 -6.82 6.55 -2.79
CA THR A 26 -6.77 5.20 -2.24
C THR A 26 -5.35 4.85 -1.81
N ARG A 27 -5.23 4.06 -0.73
CA ARG A 27 -3.93 3.65 -0.21
C ARG A 27 -3.95 2.15 0.11
N SER A 28 -2.76 1.55 0.20
CA SER A 28 -2.66 0.13 0.50
C SER A 28 -1.39 -0.18 1.29
N CYS A 29 -1.44 -1.21 2.12
CA CYS A 29 -0.29 -1.61 2.93
C CYS A 29 -0.56 -2.95 3.59
N GLU A 30 0.38 -3.89 3.45
CA GLU A 30 0.22 -5.22 4.04
C GLU A 30 1.13 -5.39 5.25
N LYS A 31 0.59 -6.02 6.30
CA LYS A 31 1.34 -6.25 7.52
C LYS A 31 1.96 -7.63 7.52
N THR A 32 2.87 -7.86 8.47
CA THR A 32 3.55 -9.15 8.59
C THR A 32 3.14 -9.83 9.90
N THR A 33 2.64 -11.06 9.79
CA THR A 33 2.22 -11.82 10.97
C THR A 33 2.34 -13.30 10.73
N GLY A 34 3.54 -13.79 10.96
CA GLY A 34 3.81 -15.19 10.79
C GLY A 34 3.99 -15.54 9.32
N ASN A 35 3.75 -14.54 8.47
CA ASN A 35 3.90 -14.71 7.03
C ASN A 35 4.14 -13.36 6.36
N PHE A 36 4.89 -13.37 5.26
CA PHE A 36 5.19 -12.15 4.54
C PHE A 36 4.24 -11.94 3.37
N THR A 37 3.78 -10.71 3.20
CA THR A 37 2.86 -10.37 2.11
C THR A 37 3.13 -8.97 1.62
N GLU A 38 3.53 -8.86 0.35
CA GLU A 38 3.82 -7.56 -0.25
C GLU A 38 2.53 -6.84 -0.64
N CYS A 39 2.64 -5.53 -0.86
CA CYS A 39 1.48 -4.73 -1.24
C CYS A 39 0.91 -5.25 -2.56
N PRO A 40 -0.38 -5.11 -2.79
CA PRO A 40 -1.02 -5.58 -4.05
C PRO A 40 -0.70 -4.67 -5.23
N GLY A 41 -0.33 -5.29 -6.36
CA GLY A 41 0.00 -4.54 -7.56
C GLY A 41 -1.22 -3.79 -8.08
N LEU A 42 -2.38 -4.45 -8.00
CA LEU A 42 -3.63 -3.85 -8.46
C LEU A 42 -4.32 -3.09 -7.33
N THR A 43 -5.21 -2.18 -7.69
CA THR A 43 -5.94 -1.40 -6.70
C THR A 43 -6.85 -2.31 -5.87
N PRO A 44 -7.11 -1.98 -4.62
CA PRO A 44 -7.99 -2.81 -3.74
C PRO A 44 -9.46 -2.64 -4.12
N ILE A 45 -9.74 -1.72 -5.03
CA ILE A 45 -11.10 -1.46 -5.46
C ILE A 45 -11.70 -2.70 -6.11
N ALA A 46 -12.89 -3.08 -5.66
CA ALA A 46 -13.56 -4.26 -6.21
C ALA A 46 -12.61 -5.45 -6.26
N GLY A 1 -1.09 7.64 7.18
CA GLY A 1 -1.83 6.82 6.19
C GLY A 1 -1.04 6.76 4.88
N LEU A 2 -0.40 7.87 4.54
CA LEU A 2 0.39 7.94 3.32
C LEU A 2 1.68 7.15 3.48
N CYS A 3 2.20 6.61 2.37
CA CYS A 3 3.42 5.83 2.39
C CYS A 3 4.64 6.75 2.39
N SER A 4 5.31 6.86 3.53
CA SER A 4 6.49 7.70 3.63
C SER A 4 7.58 7.17 2.72
N GLU A 5 7.73 5.85 2.72
CA GLU A 5 8.74 5.19 1.91
C GLU A 5 8.19 3.87 1.35
N ASN A 6 9.08 3.03 0.85
CA ASN A 6 8.67 1.76 0.28
C ASN A 6 7.96 0.91 1.34
N GLY A 7 8.48 0.95 2.56
CA GLY A 7 7.89 0.20 3.67
C GLY A 7 7.54 1.14 4.83
N ASP A 8 6.59 2.02 4.58
CA ASP A 8 6.15 2.97 5.59
C ASP A 8 5.62 2.25 6.82
N CYS A 9 4.79 1.25 6.58
CA CYS A 9 4.21 0.48 7.68
C CYS A 9 5.33 -0.21 8.47
N ALA A 10 6.27 -0.76 7.72
CA ALA A 10 7.42 -1.44 8.32
C ALA A 10 8.44 -1.77 7.23
N ALA A 11 9.67 -2.06 7.62
CA ALA A 11 10.70 -2.37 6.64
C ALA A 11 10.31 -3.61 5.82
N ASP A 12 9.83 -4.64 6.51
CA ASP A 12 9.42 -5.87 5.84
C ASP A 12 8.12 -5.66 5.07
N GLU A 13 7.21 -4.90 5.65
CA GLU A 13 5.92 -4.64 5.02
C GLU A 13 6.06 -3.66 3.86
N CYS A 14 5.05 -3.64 2.98
CA CYS A 14 5.07 -2.75 1.81
C CYS A 14 4.04 -1.64 1.98
N CYS A 15 4.26 -0.52 1.30
CA CYS A 15 3.34 0.61 1.37
C CYS A 15 3.37 1.38 0.04
N VAL A 16 2.19 1.63 -0.52
CA VAL A 16 2.11 2.36 -1.79
C VAL A 16 0.83 3.18 -1.85
N ASP A 17 0.97 4.45 -2.24
CA ASP A 17 -0.18 5.34 -2.35
C ASP A 17 -0.59 5.51 -3.80
N THR A 18 -1.83 5.12 -4.12
CA THR A 18 -2.36 5.25 -5.47
C THR A 18 -3.36 6.39 -5.54
N VAL A 19 -3.66 6.83 -6.76
CA VAL A 19 -4.60 7.91 -6.97
C VAL A 19 -4.69 8.20 -8.45
N PHE A 20 -5.88 7.99 -8.97
CA PHE A 20 -6.17 8.19 -10.38
C PHE A 20 -6.94 9.47 -10.60
N GLU A 21 -8.14 9.54 -10.03
CA GLU A 21 -8.99 10.68 -10.20
C GLU A 21 -9.01 11.57 -8.96
N GLY A 22 -9.81 12.63 -9.04
CA GLY A 22 -9.93 13.58 -7.93
C GLY A 22 -11.10 13.23 -7.02
N ASP A 23 -11.93 12.29 -7.47
CA ASP A 23 -13.09 11.87 -6.70
C ASP A 23 -12.67 11.30 -5.34
N MET A 24 -11.64 10.47 -5.37
CA MET A 24 -11.14 9.86 -4.13
C MET A 24 -9.71 9.36 -4.31
N VAL A 25 -9.07 9.00 -3.20
CA VAL A 25 -7.69 8.50 -3.22
C VAL A 25 -7.63 7.08 -2.69
N THR A 26 -6.75 6.28 -3.30
CA THR A 26 -6.59 4.87 -2.93
C THR A 26 -5.17 4.60 -2.41
N ARG A 27 -5.07 3.82 -1.34
CA ARG A 27 -3.77 3.48 -0.75
C ARG A 27 -3.81 2.07 -0.17
N SER A 28 -2.64 1.48 0.05
CA SER A 28 -2.57 0.12 0.60
C SER A 28 -1.27 -0.08 1.39
N CYS A 29 -1.25 -1.12 2.22
CA CYS A 29 -0.07 -1.42 3.02
C CYS A 29 -0.20 -2.80 3.65
N GLU A 30 0.84 -3.60 3.51
CA GLU A 30 0.83 -4.95 4.08
C GLU A 30 1.08 -4.93 5.58
N LYS A 31 0.58 -5.96 6.26
CA LYS A 31 0.75 -6.08 7.71
C LYS A 31 1.47 -7.39 8.02
N THR A 32 2.41 -7.33 8.95
CA THR A 32 3.17 -8.51 9.34
C THR A 32 2.36 -9.39 10.29
N THR A 33 2.16 -10.64 9.89
CA THR A 33 1.40 -11.58 10.71
C THR A 33 1.81 -13.00 10.42
N GLY A 34 2.83 -13.45 11.13
CA GLY A 34 3.32 -14.79 10.97
C GLY A 34 4.08 -14.94 9.65
N ASN A 35 3.46 -14.49 8.55
CA ASN A 35 4.06 -14.56 7.23
C ASN A 35 3.95 -13.22 6.52
N PHE A 36 5.04 -12.80 5.88
CA PHE A 36 5.06 -11.54 5.15
C PHE A 36 4.48 -11.71 3.76
N THR A 37 3.88 -10.64 3.22
CA THR A 37 3.28 -10.67 1.89
C THR A 37 3.83 -9.54 1.04
N GLU A 38 2.98 -9.00 0.17
CA GLU A 38 3.37 -7.90 -0.72
C GLU A 38 2.16 -7.04 -1.06
N CYS A 39 2.37 -5.72 -1.08
CA CYS A 39 1.30 -4.78 -1.39
C CYS A 39 0.70 -5.12 -2.77
N PRO A 40 -0.56 -4.82 -2.99
CA PRO A 40 -1.23 -5.11 -4.29
C PRO A 40 -0.83 -4.12 -5.39
N GLY A 41 -0.99 -4.55 -6.63
CA GLY A 41 -0.65 -3.72 -7.78
C GLY A 41 -1.88 -2.95 -8.28
N LEU A 42 -2.58 -3.53 -9.25
CA LEU A 42 -3.77 -2.90 -9.80
C LEU A 42 -4.97 -3.17 -8.90
N THR A 43 -5.77 -2.14 -8.66
CA THR A 43 -6.96 -2.26 -7.82
C THR A 43 -8.12 -2.86 -8.62
N PRO A 44 -9.15 -3.41 -7.99
CA PRO A 44 -10.30 -4.01 -8.73
C PRO A 44 -10.97 -2.98 -9.63
N ILE A 45 -10.80 -1.71 -9.30
CA ILE A 45 -11.40 -0.62 -10.07
C ILE A 45 -11.38 -0.93 -11.57
N ALA A 46 -12.42 -0.50 -12.28
CA ALA A 46 -12.52 -0.73 -13.71
C ALA A 46 -13.53 0.22 -14.34
N GLY A 1 -0.96 12.08 -1.52
CA GLY A 1 -0.48 11.30 -0.35
C GLY A 1 0.48 10.21 -0.80
N LEU A 2 1.74 10.32 -0.37
CA LEU A 2 2.78 9.35 -0.73
C LEU A 2 3.36 8.71 0.52
N CYS A 3 3.79 7.45 0.40
CA CYS A 3 4.37 6.74 1.53
C CYS A 3 5.68 7.39 1.95
N SER A 4 5.96 7.37 3.25
CA SER A 4 7.19 7.95 3.76
C SER A 4 8.40 7.28 3.14
N GLU A 5 8.32 5.95 3.06
CA GLU A 5 9.41 5.15 2.51
C GLU A 5 8.86 3.93 1.80
N ASN A 6 9.75 3.03 1.38
CA ASN A 6 9.33 1.82 0.68
C ASN A 6 8.40 1.00 1.56
N GLY A 7 8.72 0.95 2.86
CA GLY A 7 7.91 0.20 3.82
C GLY A 7 7.49 1.10 4.98
N ASP A 8 6.53 1.98 4.71
CA ASP A 8 6.04 2.90 5.73
C ASP A 8 5.43 2.12 6.90
N CYS A 9 4.63 1.11 6.57
CA CYS A 9 4.00 0.30 7.59
C CYS A 9 5.03 -0.41 8.44
N ALA A 10 6.06 -0.93 7.77
CA ALA A 10 7.14 -1.63 8.46
C ALA A 10 8.30 -1.87 7.48
N ALA A 11 9.47 -2.19 8.04
CA ALA A 11 10.64 -2.45 7.22
C ALA A 11 10.40 -3.64 6.27
N ASP A 12 9.73 -4.66 6.78
CA ASP A 12 9.46 -5.86 5.99
C ASP A 12 8.10 -5.76 5.27
N GLU A 13 7.51 -4.56 5.30
CA GLU A 13 6.21 -4.34 4.65
C GLU A 13 6.33 -3.30 3.54
N CYS A 14 5.35 -3.30 2.63
CA CYS A 14 5.34 -2.37 1.49
C CYS A 14 4.29 -1.28 1.71
N CYS A 15 4.48 -0.15 1.03
CA CYS A 15 3.55 0.97 1.14
C CYS A 15 3.51 1.72 -0.19
N VAL A 16 2.31 1.89 -0.74
CA VAL A 16 2.16 2.60 -2.00
C VAL A 16 0.81 3.29 -2.07
N ASP A 17 0.81 4.56 -2.46
CA ASP A 17 -0.42 5.33 -2.55
C ASP A 17 -0.91 5.44 -3.98
N THR A 18 -2.11 4.92 -4.23
CA THR A 18 -2.72 4.98 -5.55
C THR A 18 -3.76 6.10 -5.57
N VAL A 19 -4.13 6.52 -6.77
CA VAL A 19 -5.11 7.57 -6.93
C VAL A 19 -5.30 7.86 -8.40
N PHE A 20 -6.50 7.63 -8.84
CA PHE A 20 -6.87 7.87 -10.23
C PHE A 20 -7.37 9.29 -10.42
N GLU A 21 -8.47 9.62 -9.74
CA GLU A 21 -9.06 10.93 -9.85
C GLU A 21 -9.05 11.63 -8.50
N GLY A 22 -9.70 12.79 -8.44
CA GLY A 22 -9.76 13.57 -7.20
C GLY A 22 -10.97 13.16 -6.36
N ASP A 23 -11.95 12.53 -6.99
CA ASP A 23 -13.15 12.11 -6.28
C ASP A 23 -12.84 11.05 -5.23
N MET A 24 -11.95 10.12 -5.56
CA MET A 24 -11.59 9.04 -4.64
C MET A 24 -10.09 8.79 -4.64
N VAL A 25 -9.60 8.27 -3.51
CA VAL A 25 -8.17 7.95 -3.36
C VAL A 25 -8.01 6.55 -2.79
N THR A 26 -7.00 5.84 -3.28
CA THR A 26 -6.73 4.47 -2.85
C THR A 26 -5.31 4.32 -2.31
N ARG A 27 -5.18 3.64 -1.16
CA ARG A 27 -3.87 3.42 -0.54
C ARG A 27 -3.70 1.94 -0.23
N SER A 28 -2.45 1.45 -0.30
CA SER A 28 -2.18 0.03 -0.02
C SER A 28 -0.98 -0.11 0.91
N CYS A 29 -1.02 -1.13 1.76
CA CYS A 29 0.07 -1.38 2.70
C CYS A 29 -0.18 -2.69 3.44
N GLU A 30 0.69 -3.68 3.21
CA GLU A 30 0.53 -4.98 3.86
C GLU A 30 1.15 -4.97 5.26
N LYS A 31 0.65 -5.86 6.11
CA LYS A 31 1.15 -5.98 7.49
C LYS A 31 1.64 -7.40 7.74
N THR A 32 2.72 -7.51 8.53
CA THR A 32 3.29 -8.82 8.83
C THR A 32 2.65 -9.42 10.07
N THR A 33 2.02 -10.58 9.91
CA THR A 33 1.36 -11.26 11.02
C THR A 33 1.35 -12.75 10.78
N GLY A 34 2.45 -13.37 11.11
CA GLY A 34 2.57 -14.80 10.97
C GLY A 34 2.84 -15.18 9.51
N ASN A 35 2.79 -14.18 8.63
CA ASN A 35 3.03 -14.39 7.22
C ASN A 35 3.48 -13.09 6.55
N PHE A 36 4.31 -13.21 5.52
CA PHE A 36 4.83 -12.04 4.80
C PHE A 36 4.11 -11.88 3.47
N THR A 37 3.79 -10.63 3.12
CA THR A 37 3.11 -10.33 1.86
C THR A 37 3.34 -8.88 1.46
N GLU A 38 3.87 -8.68 0.26
CA GLU A 38 4.14 -7.34 -0.25
C GLU A 38 2.89 -6.71 -0.86
N CYS A 39 2.95 -5.41 -1.10
CA CYS A 39 1.83 -4.68 -1.68
C CYS A 39 1.55 -5.20 -3.09
N PRO A 40 0.32 -5.15 -3.56
CA PRO A 40 -0.04 -5.63 -4.92
C PRO A 40 0.43 -4.67 -6.01
N GLY A 41 0.87 -5.23 -7.13
CA GLY A 41 1.34 -4.42 -8.25
C GLY A 41 0.21 -4.14 -9.23
N LEU A 42 -0.98 -4.64 -8.91
CA LEU A 42 -2.15 -4.43 -9.77
C LEU A 42 -3.11 -3.42 -9.15
N THR A 43 -3.69 -2.57 -9.98
CA THR A 43 -4.64 -1.55 -9.52
C THR A 43 -5.87 -1.50 -10.42
N PRO A 44 -6.63 -2.56 -10.45
CA PRO A 44 -7.86 -2.65 -11.29
C PRO A 44 -9.00 -1.80 -10.72
N ILE A 45 -8.87 -1.43 -9.45
CA ILE A 45 -9.89 -0.63 -8.79
C ILE A 45 -10.20 0.63 -9.61
N ALA A 46 -11.48 0.97 -9.70
CA ALA A 46 -11.89 2.15 -10.45
C ALA A 46 -11.47 3.42 -9.73
N GLY A 1 -1.23 10.74 0.67
CA GLY A 1 -0.13 11.19 -0.24
C GLY A 1 0.82 10.03 -0.50
N LEU A 2 2.09 10.36 -0.75
CA LEU A 2 3.10 9.35 -1.01
C LEU A 2 3.61 8.74 0.30
N CYS A 3 4.04 7.49 0.24
CA CYS A 3 4.55 6.82 1.42
C CYS A 3 5.83 7.49 1.91
N SER A 4 6.02 7.49 3.23
CA SER A 4 7.20 8.11 3.82
C SER A 4 8.46 7.45 3.29
N GLU A 5 8.42 6.12 3.23
CA GLU A 5 9.55 5.32 2.77
C GLU A 5 9.07 4.14 1.95
N ASN A 6 9.99 3.23 1.64
CA ASN A 6 9.64 2.05 0.86
C ASN A 6 8.58 1.23 1.60
N GLY A 7 8.73 1.14 2.92
CA GLY A 7 7.79 0.39 3.74
C GLY A 7 7.35 1.22 4.94
N ASP A 8 6.38 2.09 4.71
CA ASP A 8 5.87 2.96 5.78
C ASP A 8 5.27 2.13 6.90
N CYS A 9 4.51 1.11 6.53
CA CYS A 9 3.88 0.23 7.50
C CYS A 9 4.94 -0.49 8.33
N ALA A 10 5.99 -0.94 7.64
CA ALA A 10 7.09 -1.63 8.30
C ALA A 10 8.23 -1.83 7.31
N ALA A 11 9.43 -2.11 7.82
CA ALA A 11 10.59 -2.31 6.95
C ALA A 11 10.36 -3.50 6.03
N ASP A 12 9.87 -4.60 6.58
CA ASP A 12 9.60 -5.79 5.79
C ASP A 12 8.40 -5.57 4.88
N GLU A 13 7.40 -4.86 5.40
CA GLU A 13 6.19 -4.57 4.64
C GLU A 13 6.43 -3.49 3.61
N CYS A 14 5.48 -3.32 2.70
CA CYS A 14 5.59 -2.30 1.64
C CYS A 14 4.55 -1.20 1.85
N CYS A 15 4.67 -0.13 1.07
CA CYS A 15 3.73 0.98 1.16
C CYS A 15 3.65 1.69 -0.20
N VAL A 16 2.44 1.85 -0.71
CA VAL A 16 2.26 2.50 -2.02
C VAL A 16 0.93 3.25 -2.06
N ASP A 17 0.98 4.52 -2.46
CA ASP A 17 -0.23 5.34 -2.55
C ASP A 17 -0.51 5.73 -4.00
N THR A 18 -1.77 5.58 -4.39
CA THR A 18 -2.20 5.93 -5.75
C THR A 18 -3.39 6.89 -5.68
N VAL A 19 -3.65 7.57 -6.79
CA VAL A 19 -4.75 8.50 -6.85
C VAL A 19 -4.81 9.11 -8.25
N PHE A 20 -5.90 8.81 -8.89
CA PHE A 20 -6.15 9.29 -10.24
C PHE A 20 -7.04 10.54 -10.21
N GLU A 21 -8.17 10.43 -9.54
CA GLU A 21 -9.11 11.52 -9.47
C GLU A 21 -9.35 11.95 -8.03
N GLY A 22 -10.23 12.93 -7.88
CA GLY A 22 -10.57 13.46 -6.54
C GLY A 22 -11.76 12.73 -5.95
N ASP A 23 -12.44 11.94 -6.77
CA ASP A 23 -13.61 11.20 -6.32
C ASP A 23 -13.25 10.20 -5.23
N MET A 24 -12.14 9.49 -5.44
CA MET A 24 -11.70 8.49 -4.47
C MET A 24 -10.19 8.26 -4.58
N VAL A 25 -9.56 7.96 -3.45
CA VAL A 25 -8.12 7.70 -3.41
C VAL A 25 -7.84 6.22 -3.19
N THR A 26 -6.81 5.73 -3.85
CA THR A 26 -6.42 4.32 -3.77
C THR A 26 -5.01 4.18 -3.16
N ARG A 27 -4.88 3.26 -2.21
CA ARG A 27 -3.60 3.03 -1.54
C ARG A 27 -3.51 1.58 -1.07
N SER A 28 -2.29 1.13 -0.75
CA SER A 28 -2.08 -0.25 -0.29
C SER A 28 -0.90 -0.31 0.66
N CYS A 29 -0.98 -1.24 1.61
CA CYS A 29 0.08 -1.43 2.60
C CYS A 29 -0.18 -2.70 3.39
N GLU A 30 0.71 -3.68 3.23
CA GLU A 30 0.55 -4.96 3.93
C GLU A 30 1.13 -4.89 5.33
N LYS A 31 0.68 -5.82 6.19
CA LYS A 31 1.15 -5.88 7.58
C LYS A 31 1.71 -7.26 7.88
N THR A 32 2.77 -7.30 8.68
CA THR A 32 3.40 -8.57 9.05
C THR A 32 2.69 -9.19 10.25
N THR A 33 2.17 -10.40 10.05
CA THR A 33 1.46 -11.11 11.12
C THR A 33 1.55 -12.60 10.92
N GLY A 34 2.60 -13.17 11.50
CA GLY A 34 2.79 -14.60 11.40
C GLY A 34 3.25 -15.00 10.01
N ASN A 35 2.66 -14.36 9.00
CA ASN A 35 3.00 -14.64 7.60
C ASN A 35 3.17 -13.34 6.82
N PHE A 36 4.18 -13.29 5.96
CA PHE A 36 4.45 -12.10 5.18
C PHE A 36 3.62 -12.10 3.90
N THR A 37 3.30 -10.90 3.41
CA THR A 37 2.51 -10.75 2.19
C THR A 37 2.81 -9.41 1.53
N GLU A 38 3.26 -9.46 0.28
CA GLU A 38 3.59 -8.25 -0.47
C GLU A 38 2.34 -7.60 -1.06
N CYS A 39 2.38 -6.28 -1.18
CA CYS A 39 1.26 -5.52 -1.74
C CYS A 39 0.68 -6.26 -2.96
N PRO A 40 -0.50 -5.90 -3.39
CA PRO A 40 -1.16 -6.54 -4.55
C PRO A 40 -0.55 -6.07 -5.88
N GLY A 41 -0.45 -6.99 -6.82
CA GLY A 41 0.11 -6.68 -8.13
C GLY A 41 -0.75 -5.65 -8.85
N LEU A 42 -2.07 -5.79 -8.72
CA LEU A 42 -3.02 -4.88 -9.36
C LEU A 42 -3.82 -4.12 -8.30
N THR A 43 -4.19 -2.88 -8.61
CA THR A 43 -4.95 -2.06 -7.68
C THR A 43 -6.36 -2.64 -7.49
N PRO A 44 -6.97 -2.46 -6.33
CA PRO A 44 -8.34 -2.98 -6.07
C PRO A 44 -9.41 -2.15 -6.79
N ILE A 45 -8.96 -1.20 -7.61
CA ILE A 45 -9.87 -0.33 -8.33
C ILE A 45 -10.77 -1.18 -9.24
N ALA A 46 -10.16 -2.12 -9.95
CA ALA A 46 -10.90 -2.99 -10.86
C ALA A 46 -11.74 -2.15 -11.82
N GLY A 1 -0.39 11.94 1.40
CA GLY A 1 0.48 11.21 2.37
C GLY A 1 1.30 10.17 1.63
N LEU A 2 2.37 10.63 0.96
CA LEU A 2 3.22 9.72 0.21
C LEU A 2 4.07 8.88 1.16
N CYS A 3 4.39 7.66 0.75
CA CYS A 3 5.19 6.77 1.58
C CYS A 3 6.56 7.38 1.87
N SER A 4 6.97 7.33 3.13
CA SER A 4 8.27 7.87 3.52
C SER A 4 9.38 7.08 2.85
N GLU A 5 9.21 5.76 2.83
CA GLU A 5 10.20 4.86 2.25
C GLU A 5 9.51 3.72 1.50
N ASN A 6 10.27 2.67 1.20
CA ASN A 6 9.71 1.52 0.49
C ASN A 6 8.59 0.88 1.29
N GLY A 7 8.77 0.79 2.60
CA GLY A 7 7.77 0.20 3.50
C GLY A 7 7.36 1.19 4.58
N ASP A 8 6.38 2.05 4.26
CA ASP A 8 5.90 3.04 5.21
C ASP A 8 5.29 2.37 6.43
N CYS A 9 4.49 1.33 6.21
CA CYS A 9 3.85 0.62 7.30
C CYS A 9 4.91 -0.01 8.22
N ALA A 10 5.92 -0.60 7.59
CA ALA A 10 7.01 -1.24 8.33
C ALA A 10 8.17 -1.53 7.38
N ALA A 11 9.33 -1.84 7.94
CA ALA A 11 10.50 -2.14 7.13
C ALA A 11 10.26 -3.33 6.22
N ASP A 12 9.62 -4.37 6.76
CA ASP A 12 9.34 -5.58 5.99
C ASP A 12 8.07 -5.43 5.17
N GLU A 13 7.10 -4.67 5.70
CA GLU A 13 5.84 -4.45 5.00
C GLU A 13 6.00 -3.47 3.85
N CYS A 14 5.06 -3.50 2.91
CA CYS A 14 5.10 -2.59 1.75
C CYS A 14 3.90 -1.64 1.78
N CYS A 15 4.09 -0.45 1.23
CA CYS A 15 3.03 0.55 1.20
C CYS A 15 2.98 1.19 -0.18
N VAL A 16 1.81 1.69 -0.55
CA VAL A 16 1.65 2.32 -1.84
C VAL A 16 0.35 3.10 -1.91
N ASP A 17 0.45 4.42 -2.09
CA ASP A 17 -0.73 5.28 -2.16
C ASP A 17 -1.02 5.67 -3.61
N THR A 18 -2.20 5.30 -4.09
CA THR A 18 -2.63 5.63 -5.45
C THR A 18 -3.70 6.71 -5.41
N VAL A 19 -3.97 7.31 -6.56
CA VAL A 19 -4.96 8.35 -6.67
C VAL A 19 -5.00 8.85 -8.10
N PHE A 20 -6.14 8.70 -8.69
CA PHE A 20 -6.39 9.09 -10.07
C PHE A 20 -6.97 10.49 -10.16
N GLU A 21 -8.29 10.54 -10.21
CA GLU A 21 -9.01 11.81 -10.34
C GLU A 21 -9.12 12.51 -8.98
N GLY A 22 -8.94 11.76 -7.89
CA GLY A 22 -9.02 12.33 -6.55
C GLY A 22 -10.43 12.20 -5.97
N ASP A 23 -11.38 11.79 -6.81
CA ASP A 23 -12.74 11.61 -6.35
C ASP A 23 -12.78 10.55 -5.25
N MET A 24 -12.02 9.49 -5.46
CA MET A 24 -11.92 8.39 -4.50
C MET A 24 -10.46 7.94 -4.40
N VAL A 25 -9.77 8.40 -3.37
CA VAL A 25 -8.38 8.02 -3.19
C VAL A 25 -8.24 6.54 -2.90
N THR A 26 -7.16 5.95 -3.42
CA THR A 26 -6.90 4.52 -3.25
C THR A 26 -5.51 4.29 -2.64
N ARG A 27 -5.43 3.38 -1.69
CA ARG A 27 -4.16 3.06 -1.04
C ARG A 27 -4.13 1.61 -0.59
N SER A 28 -2.93 1.09 -0.35
CA SER A 28 -2.78 -0.31 0.08
C SER A 28 -1.50 -0.48 0.91
N CYS A 29 -1.53 -1.44 1.83
CA CYS A 29 -0.38 -1.71 2.68
C CYS A 29 -0.60 -3.01 3.45
N GLU A 30 0.34 -3.93 3.35
CA GLU A 30 0.23 -5.22 4.03
C GLU A 30 0.74 -5.11 5.46
N LYS A 31 0.19 -5.96 6.34
CA LYS A 31 0.60 -5.98 7.75
C LYS A 31 1.24 -7.33 8.09
N THR A 32 2.26 -7.28 8.93
CA THR A 32 2.96 -8.51 9.32
C THR A 32 2.08 -9.35 10.25
N THR A 33 1.87 -10.60 9.85
CA THR A 33 1.05 -11.52 10.65
C THR A 33 1.46 -12.94 10.39
N GLY A 34 2.40 -13.40 11.18
CA GLY A 34 2.87 -14.76 11.06
C GLY A 34 3.71 -14.93 9.79
N ASN A 35 3.22 -14.41 8.68
CA ASN A 35 3.93 -14.50 7.40
C ASN A 35 3.88 -13.15 6.68
N PHE A 36 5.01 -12.78 6.09
CA PHE A 36 5.11 -11.51 5.38
C PHE A 36 4.58 -11.66 3.95
N THR A 37 3.99 -10.58 3.42
CA THR A 37 3.45 -10.58 2.07
C THR A 37 4.05 -9.44 1.27
N GLU A 38 3.23 -8.86 0.38
CA GLU A 38 3.69 -7.75 -0.46
C GLU A 38 2.51 -6.91 -0.94
N CYS A 39 2.71 -5.60 -1.02
CA CYS A 39 1.66 -4.70 -1.46
C CYS A 39 1.25 -5.04 -2.90
N PRO A 40 0.01 -4.82 -3.28
CA PRO A 40 -0.46 -5.11 -4.67
C PRO A 40 0.02 -4.06 -5.66
N GLY A 41 0.50 -4.52 -6.81
CA GLY A 41 0.99 -3.62 -7.85
C GLY A 41 -0.14 -2.73 -8.36
N LEU A 42 -1.30 -3.35 -8.57
CA LEU A 42 -2.48 -2.63 -9.06
C LEU A 42 -3.67 -2.89 -8.14
N THR A 43 -4.47 -1.85 -7.88
CA THR A 43 -5.65 -1.99 -7.01
C THR A 43 -6.94 -1.87 -7.85
N PRO A 44 -7.75 -2.90 -7.93
CA PRO A 44 -9.02 -2.85 -8.72
C PRO A 44 -10.16 -2.21 -7.92
N ILE A 45 -10.01 -0.93 -7.60
CA ILE A 45 -11.04 -0.23 -6.84
C ILE A 45 -12.29 -0.05 -7.68
N ALA A 46 -13.45 -0.19 -7.04
CA ALA A 46 -14.72 -0.05 -7.73
C ALA A 46 -15.88 -0.05 -6.74
N GLY A 1 -0.43 11.09 4.86
CA GLY A 1 -1.07 9.81 4.40
C GLY A 1 -0.17 9.14 3.36
N LEU A 2 0.90 9.84 2.97
CA LEU A 2 1.82 9.30 1.98
C LEU A 2 2.73 8.26 2.62
N CYS A 3 3.16 7.28 1.83
CA CYS A 3 4.02 6.22 2.34
C CYS A 3 5.34 6.80 2.82
N SER A 4 5.88 7.76 2.08
CA SER A 4 7.14 8.40 2.44
C SER A 4 8.31 7.46 2.14
N GLU A 5 8.07 6.16 2.28
CA GLU A 5 9.10 5.15 2.06
C GLU A 5 8.48 3.86 1.58
N ASN A 6 9.33 2.94 1.11
CA ASN A 6 8.84 1.65 0.61
C ASN A 6 8.12 0.88 1.72
N GLY A 7 8.66 0.94 2.94
CA GLY A 7 8.06 0.24 4.07
C GLY A 7 7.59 1.22 5.13
N ASP A 8 6.56 1.98 4.80
CA ASP A 8 6.01 2.96 5.73
C ASP A 8 5.45 2.27 6.97
N CYS A 9 4.66 1.23 6.75
CA CYS A 9 4.07 0.49 7.86
C CYS A 9 5.16 -0.18 8.68
N ALA A 10 6.14 -0.73 7.97
CA ALA A 10 7.28 -1.40 8.59
C ALA A 10 8.33 -1.70 7.53
N ALA A 11 9.55 -1.98 7.97
CA ALA A 11 10.63 -2.27 7.01
C ALA A 11 10.28 -3.48 6.15
N ASP A 12 9.79 -4.53 6.78
CA ASP A 12 9.40 -5.74 6.06
C ASP A 12 8.13 -5.51 5.25
N GLU A 13 7.21 -4.74 5.82
CA GLU A 13 5.94 -4.45 5.16
C GLU A 13 6.13 -3.46 4.01
N CYS A 14 5.15 -3.42 3.10
CA CYS A 14 5.20 -2.54 1.93
C CYS A 14 4.16 -1.43 2.06
N CYS A 15 4.36 -0.34 1.34
CA CYS A 15 3.43 0.79 1.36
C CYS A 15 3.44 1.50 0.01
N VAL A 16 2.26 1.73 -0.55
CA VAL A 16 2.18 2.39 -1.85
C VAL A 16 0.89 3.21 -1.95
N ASP A 17 1.03 4.47 -2.34
CA ASP A 17 -0.11 5.35 -2.47
C ASP A 17 -0.66 5.34 -3.89
N THR A 18 -1.92 4.92 -4.03
CA THR A 18 -2.59 4.86 -5.33
C THR A 18 -3.54 6.02 -5.48
N VAL A 19 -3.92 6.32 -6.72
CA VAL A 19 -4.84 7.39 -7.00
C VAL A 19 -5.06 7.48 -8.50
N PHE A 20 -6.30 7.26 -8.87
CA PHE A 20 -6.71 7.27 -10.27
C PHE A 20 -7.46 8.54 -10.61
N GLU A 21 -8.60 8.74 -9.97
CA GLU A 21 -9.44 9.89 -10.23
C GLU A 21 -9.31 10.94 -9.14
N GLY A 22 -10.08 12.01 -9.31
CA GLY A 22 -10.07 13.12 -8.36
C GLY A 22 -11.16 12.96 -7.30
N ASP A 23 -12.06 12.00 -7.52
CA ASP A 23 -13.14 11.77 -6.58
C ASP A 23 -12.60 11.39 -5.21
N MET A 24 -11.61 10.51 -5.19
CA MET A 24 -11.02 10.06 -3.93
C MET A 24 -9.63 9.47 -4.16
N VAL A 25 -8.91 9.22 -3.07
CA VAL A 25 -7.56 8.66 -3.13
C VAL A 25 -7.51 7.32 -2.41
N THR A 26 -6.72 6.39 -2.96
CA THR A 26 -6.57 5.06 -2.41
C THR A 26 -5.14 4.79 -1.95
N ARG A 27 -5.00 4.23 -0.75
CA ARG A 27 -3.69 3.90 -0.19
C ARG A 27 -3.65 2.43 0.23
N SER A 28 -2.48 1.80 0.12
CA SER A 28 -2.35 0.38 0.48
C SER A 28 -1.08 0.15 1.30
N CYS A 29 -1.11 -0.88 2.13
CA CYS A 29 0.03 -1.20 2.97
C CYS A 29 -0.12 -2.61 3.55
N GLU A 30 0.93 -3.41 3.45
CA GLU A 30 0.89 -4.78 3.96
C GLU A 30 1.14 -4.82 5.46
N LYS A 31 0.65 -5.88 6.10
CA LYS A 31 0.81 -6.07 7.54
C LYS A 31 1.48 -7.41 7.80
N THR A 32 2.35 -7.46 8.80
CA THR A 32 3.06 -8.71 9.14
C THR A 32 2.22 -9.57 10.06
N THR A 33 1.92 -10.78 9.61
CA THR A 33 1.13 -11.72 10.40
C THR A 33 1.49 -13.14 10.04
N GLY A 34 2.47 -13.66 10.75
CA GLY A 34 2.90 -15.01 10.53
C GLY A 34 3.67 -15.14 9.21
N ASN A 35 3.07 -14.63 8.14
CA ASN A 35 3.70 -14.68 6.82
C ASN A 35 3.64 -13.30 6.15
N PHE A 36 4.74 -12.91 5.52
CA PHE A 36 4.82 -11.62 4.84
C PHE A 36 4.24 -11.71 3.44
N THR A 37 3.68 -10.60 2.95
CA THR A 37 3.09 -10.56 1.62
C THR A 37 3.71 -9.43 0.81
N GLU A 38 2.90 -8.81 -0.04
CA GLU A 38 3.38 -7.71 -0.89
C GLU A 38 2.23 -6.76 -1.23
N CYS A 39 2.53 -5.46 -1.21
CA CYS A 39 1.53 -4.44 -1.53
C CYS A 39 0.96 -4.70 -2.93
N PRO A 40 -0.27 -4.30 -3.18
CA PRO A 40 -0.92 -4.50 -4.50
C PRO A 40 -0.37 -3.56 -5.57
N GLY A 41 -0.51 -3.95 -6.83
CA GLY A 41 -0.03 -3.14 -7.95
C GLY A 41 -1.16 -2.35 -8.59
N LEU A 42 -1.80 -2.96 -9.59
CA LEU A 42 -2.91 -2.31 -10.29
C LEU A 42 -4.17 -2.37 -9.46
N THR A 43 -4.97 -1.30 -9.53
CA THR A 43 -6.22 -1.24 -8.78
C THR A 43 -7.26 -2.18 -9.40
N PRO A 44 -8.18 -2.71 -8.63
CA PRO A 44 -9.23 -3.63 -9.16
C PRO A 44 -10.32 -2.87 -9.91
N ILE A 45 -10.27 -1.54 -9.81
CA ILE A 45 -11.27 -0.70 -10.47
C ILE A 45 -11.14 -0.81 -11.99
N ALA A 46 -12.26 -1.07 -12.66
CA ALA A 46 -12.27 -1.20 -14.10
C ALA A 46 -11.63 0.01 -14.76
N GLY A 1 2.49 10.53 -4.66
CA GLY A 1 1.83 9.57 -3.74
C GLY A 1 2.83 8.50 -3.31
N LEU A 2 3.85 8.92 -2.56
CA LEU A 2 4.88 8.00 -2.06
C LEU A 2 4.86 7.95 -0.54
N CYS A 3 5.13 6.77 0.00
CA CYS A 3 5.15 6.60 1.45
C CYS A 3 6.46 7.13 2.02
N SER A 4 6.64 6.99 3.34
CA SER A 4 7.84 7.46 3.99
C SER A 4 9.07 6.79 3.40
N GLU A 5 8.97 5.48 3.21
CA GLU A 5 10.08 4.71 2.67
C GLU A 5 9.57 3.47 1.94
N ASN A 6 8.58 3.68 1.09
CA ASN A 6 7.97 2.60 0.31
C ASN A 6 7.36 1.54 1.21
N GLY A 7 7.58 1.67 2.51
CA GLY A 7 7.05 0.71 3.47
C GLY A 7 6.92 1.37 4.84
N ASP A 8 6.10 2.41 4.90
CA ASP A 8 5.88 3.13 6.15
C ASP A 8 5.28 2.21 7.21
N CYS A 9 4.53 1.21 6.77
CA CYS A 9 3.92 0.27 7.69
C CYS A 9 5.00 -0.48 8.46
N ALA A 10 6.03 -0.88 7.73
CA ALA A 10 7.16 -1.61 8.31
C ALA A 10 8.23 -1.83 7.24
N ALA A 11 9.45 -2.13 7.66
CA ALA A 11 10.53 -2.35 6.71
C ALA A 11 10.20 -3.52 5.78
N ASP A 12 9.71 -4.61 6.36
CA ASP A 12 9.35 -5.79 5.58
C ASP A 12 8.07 -5.53 4.77
N GLU A 13 7.12 -4.82 5.38
CA GLU A 13 5.85 -4.52 4.72
C GLU A 13 6.03 -3.49 3.61
N CYS A 14 5.08 -3.48 2.66
CA CYS A 14 5.11 -2.54 1.54
C CYS A 14 4.10 -1.42 1.76
N CYS A 15 4.34 -0.28 1.11
CA CYS A 15 3.44 0.86 1.23
C CYS A 15 3.43 1.65 -0.07
N VAL A 16 2.23 1.92 -0.59
CA VAL A 16 2.11 2.67 -1.83
C VAL A 16 0.77 3.41 -1.88
N ASP A 17 0.81 4.68 -2.27
CA ASP A 17 -0.40 5.49 -2.34
C ASP A 17 -0.90 5.61 -3.78
N THR A 18 -2.12 5.13 -4.01
CA THR A 18 -2.73 5.19 -5.34
C THR A 18 -3.70 6.34 -5.42
N VAL A 19 -4.09 6.71 -6.63
CA VAL A 19 -5.02 7.78 -6.86
C VAL A 19 -5.18 7.99 -8.36
N PHE A 20 -6.40 7.80 -8.78
CA PHE A 20 -6.78 7.91 -10.18
C PHE A 20 -7.29 9.31 -10.51
N GLU A 21 -8.59 9.45 -10.47
CA GLU A 21 -9.25 10.70 -10.79
C GLU A 21 -9.21 11.66 -9.59
N GLY A 22 -9.04 11.10 -8.40
CA GLY A 22 -8.99 11.92 -7.18
C GLY A 22 -10.35 11.99 -6.49
N ASP A 23 -11.36 11.38 -7.11
CA ASP A 23 -12.69 11.38 -6.52
C ASP A 23 -12.63 10.72 -5.14
N MET A 24 -11.85 9.66 -5.06
CA MET A 24 -11.66 8.92 -3.82
C MET A 24 -10.26 8.33 -3.80
N VAL A 25 -9.38 8.92 -3.00
CA VAL A 25 -8.01 8.45 -2.94
C VAL A 25 -7.94 7.04 -2.38
N THR A 26 -6.98 6.28 -2.89
CA THR A 26 -6.78 4.89 -2.49
C THR A 26 -5.35 4.65 -2.01
N ARG A 27 -5.21 3.95 -0.89
CA ARG A 27 -3.88 3.64 -0.33
C ARG A 27 -3.77 2.14 -0.05
N SER A 28 -2.56 1.60 -0.15
CA SER A 28 -2.33 0.18 0.09
C SER A 28 -1.13 -0.04 1.00
N CYS A 29 -1.21 -1.05 1.86
CA CYS A 29 -0.12 -1.35 2.77
C CYS A 29 -0.40 -2.66 3.51
N GLU A 30 0.42 -3.68 3.26
CA GLU A 30 0.23 -4.97 3.91
C GLU A 30 0.76 -4.94 5.33
N LYS A 31 0.19 -5.78 6.20
CA LYS A 31 0.60 -5.84 7.60
C LYS A 31 1.20 -7.21 7.91
N THR A 32 2.24 -7.22 8.73
CA THR A 32 2.90 -8.47 9.09
C THR A 32 2.00 -9.30 10.02
N THR A 33 1.76 -10.55 9.61
CA THR A 33 0.93 -11.45 10.39
C THR A 33 1.32 -12.89 10.15
N GLY A 34 2.26 -13.35 10.95
CA GLY A 34 2.71 -14.71 10.84
C GLY A 34 3.57 -14.89 9.58
N ASN A 35 3.10 -14.33 8.48
CA ASN A 35 3.83 -14.41 7.20
C ASN A 35 3.84 -13.05 6.51
N PHE A 36 4.97 -12.70 5.92
CA PHE A 36 5.11 -11.43 5.23
C PHE A 36 4.58 -11.53 3.81
N THR A 37 4.01 -10.42 3.31
CA THR A 37 3.45 -10.38 1.96
C THR A 37 4.03 -9.19 1.20
N GLU A 38 3.22 -8.61 0.33
CA GLU A 38 3.65 -7.47 -0.47
C GLU A 38 2.45 -6.72 -1.02
N CYS A 39 2.59 -5.41 -1.17
CA CYS A 39 1.51 -4.58 -1.69
C CYS A 39 1.16 -5.03 -3.13
N PRO A 40 -0.08 -4.88 -3.54
CA PRO A 40 -0.50 -5.29 -4.92
C PRO A 40 -0.01 -4.32 -5.99
N GLY A 41 0.53 -4.86 -7.06
CA GLY A 41 1.03 -4.05 -8.16
C GLY A 41 -0.09 -3.25 -8.80
N LEU A 42 -1.25 -3.89 -8.95
CA LEU A 42 -2.42 -3.25 -9.54
C LEU A 42 -3.32 -2.66 -8.46
N THR A 43 -4.05 -1.60 -8.81
CA THR A 43 -4.95 -0.95 -7.86
C THR A 43 -6.09 -1.91 -7.48
N PRO A 44 -6.62 -1.81 -6.29
CA PRO A 44 -7.73 -2.70 -5.84
C PRO A 44 -9.06 -2.30 -6.48
N ILE A 45 -9.05 -1.14 -7.14
CA ILE A 45 -10.25 -0.64 -7.79
C ILE A 45 -10.71 -1.61 -8.87
N ALA A 46 -9.76 -2.09 -9.67
CA ALA A 46 -10.08 -3.02 -10.74
C ALA A 46 -10.35 -4.41 -10.17
N GLY A 1 -2.38 10.03 0.99
CA GLY A 1 -1.06 10.72 0.95
C GLY A 1 -0.02 9.80 0.31
N LEU A 2 1.26 10.13 0.47
CA LEU A 2 2.35 9.33 -0.09
C LEU A 2 3.07 8.57 1.01
N CYS A 3 3.50 7.36 0.70
CA CYS A 3 4.21 6.54 1.68
C CYS A 3 5.53 7.21 2.07
N SER A 4 5.89 7.10 3.34
CA SER A 4 7.13 7.71 3.83
C SER A 4 8.32 7.12 3.10
N GLU A 5 8.29 5.81 2.94
CA GLU A 5 9.38 5.08 2.28
C GLU A 5 8.84 3.85 1.57
N ASN A 6 9.73 2.94 1.19
CA ASN A 6 9.33 1.73 0.50
C ASN A 6 8.36 0.93 1.37
N GLY A 7 8.65 0.89 2.67
CA GLY A 7 7.80 0.16 3.62
C GLY A 7 7.42 1.07 4.79
N ASP A 8 6.46 1.95 4.55
CA ASP A 8 6.00 2.87 5.58
C ASP A 8 5.42 2.11 6.76
N CYS A 9 4.62 1.09 6.46
CA CYS A 9 4.00 0.29 7.50
C CYS A 9 5.06 -0.42 8.33
N ALA A 10 6.08 -0.91 7.65
CA ALA A 10 7.18 -1.61 8.30
C ALA A 10 8.31 -1.87 7.30
N ALA A 11 9.48 -2.21 7.82
CA ALA A 11 10.63 -2.48 6.94
C ALA A 11 10.33 -3.63 5.98
N ASP A 12 9.70 -4.68 6.50
CA ASP A 12 9.36 -5.84 5.68
C ASP A 12 8.08 -5.58 4.88
N GLU A 13 7.16 -4.82 5.46
CA GLU A 13 5.89 -4.52 4.81
C GLU A 13 6.09 -3.50 3.69
N CYS A 14 5.14 -3.48 2.74
CA CYS A 14 5.19 -2.55 1.60
C CYS A 14 4.14 -1.47 1.75
N CYS A 15 4.39 -0.31 1.13
CA CYS A 15 3.45 0.82 1.20
C CYS A 15 3.44 1.54 -0.15
N VAL A 16 2.25 1.74 -0.71
CA VAL A 16 2.14 2.42 -2.00
C VAL A 16 0.79 3.13 -2.08
N ASP A 17 0.85 4.42 -2.42
CA ASP A 17 -0.37 5.23 -2.52
C ASP A 17 -0.70 5.54 -3.97
N THR A 18 -1.87 5.07 -4.41
CA THR A 18 -2.35 5.31 -5.77
C THR A 18 -3.41 6.40 -5.74
N VAL A 19 -3.73 6.93 -6.91
CA VAL A 19 -4.74 7.96 -7.03
C VAL A 19 -4.91 8.34 -8.48
N PHE A 20 -6.09 8.10 -8.97
CA PHE A 20 -6.44 8.40 -10.35
C PHE A 20 -7.12 9.75 -10.45
N GLU A 21 -8.28 9.89 -9.81
CA GLU A 21 -9.05 11.11 -9.86
C GLU A 21 -9.12 11.77 -8.48
N GLY A 22 -9.95 12.82 -8.39
CA GLY A 22 -10.10 13.56 -7.14
C GLY A 22 -11.30 13.06 -6.34
N ASP A 23 -12.15 12.26 -6.97
CA ASP A 23 -13.35 11.74 -6.30
C ASP A 23 -12.97 10.88 -5.10
N MET A 24 -11.93 10.07 -5.25
CA MET A 24 -11.50 9.20 -4.17
C MET A 24 -10.03 8.80 -4.36
N VAL A 25 -9.37 8.50 -3.24
CA VAL A 25 -7.95 8.10 -3.26
C VAL A 25 -7.79 6.66 -2.78
N THR A 26 -6.88 5.94 -3.43
CA THR A 26 -6.61 4.54 -3.11
C THR A 26 -5.23 4.37 -2.48
N ARG A 27 -5.18 3.63 -1.37
CA ARG A 27 -3.90 3.37 -0.67
C ARG A 27 -3.80 1.89 -0.31
N SER A 28 -2.58 1.35 -0.29
CA SER A 28 -2.37 -0.05 0.04
C SER A 28 -1.16 -0.22 0.95
N CYS A 29 -1.22 -1.22 1.83
CA CYS A 29 -0.12 -1.49 2.75
C CYS A 29 -0.39 -2.79 3.52
N GLU A 30 0.45 -3.79 3.30
CA GLU A 30 0.29 -5.07 3.97
C GLU A 30 0.83 -5.02 5.39
N LYS A 31 0.28 -5.84 6.28
CA LYS A 31 0.71 -5.89 7.68
C LYS A 31 1.30 -7.26 8.00
N THR A 32 2.34 -7.26 8.82
CA THR A 32 2.99 -8.52 9.20
C THR A 32 2.11 -9.30 10.18
N THR A 33 1.81 -10.54 9.83
CA THR A 33 0.98 -11.40 10.67
C THR A 33 1.31 -12.84 10.44
N GLY A 34 2.26 -13.34 11.20
CA GLY A 34 2.66 -14.71 11.10
C GLY A 34 3.42 -14.96 9.81
N ASN A 35 2.96 -14.35 8.72
CA ASN A 35 3.61 -14.50 7.42
C ASN A 35 3.76 -13.13 6.74
N PHE A 36 4.90 -12.92 6.09
CA PHE A 36 5.17 -11.67 5.41
C PHE A 36 4.64 -11.71 3.98
N THR A 37 4.15 -10.57 3.49
CA THR A 37 3.64 -10.48 2.14
C THR A 37 4.17 -9.22 1.47
N GLU A 38 3.45 -8.76 0.46
CA GLU A 38 3.85 -7.56 -0.27
C GLU A 38 2.62 -6.84 -0.82
N CYS A 39 2.75 -5.54 -1.05
CA CYS A 39 1.66 -4.75 -1.58
C CYS A 39 1.33 -5.20 -3.00
N PRO A 40 0.09 -5.09 -3.44
CA PRO A 40 -0.31 -5.53 -4.80
C PRO A 40 0.20 -4.57 -5.88
N GLY A 41 0.81 -5.14 -6.91
CA GLY A 41 1.35 -4.34 -8.00
C GLY A 41 0.23 -3.60 -8.74
N LEU A 42 -0.89 -4.29 -8.93
CA LEU A 42 -2.04 -3.71 -9.63
C LEU A 42 -3.18 -3.44 -8.64
N THR A 43 -3.84 -2.30 -8.80
CA THR A 43 -4.94 -1.93 -7.92
C THR A 43 -6.15 -2.83 -8.20
N PRO A 44 -6.99 -3.09 -7.22
CA PRO A 44 -8.19 -3.96 -7.40
C PRO A 44 -9.32 -3.19 -8.10
N ILE A 45 -9.14 -1.87 -8.20
CA ILE A 45 -10.14 -1.02 -8.83
C ILE A 45 -10.05 -1.14 -10.35
N ALA A 46 -11.18 -1.43 -10.99
CA ALA A 46 -11.22 -1.56 -12.44
C ALA A 46 -11.23 -0.19 -13.11
N GLY A 1 -1.23 11.32 2.36
CA GLY A 1 -1.34 9.84 2.59
C GLY A 1 -0.24 9.12 1.82
N LEU A 2 0.79 9.87 1.42
CA LEU A 2 1.90 9.29 0.67
C LEU A 2 2.77 8.45 1.60
N CYS A 3 3.31 7.35 1.07
CA CYS A 3 4.16 6.48 1.87
C CYS A 3 5.48 7.19 2.19
N SER A 4 5.93 7.08 3.42
CA SER A 4 7.18 7.70 3.84
C SER A 4 8.34 7.12 3.04
N GLU A 5 8.32 5.81 2.88
CA GLU A 5 9.36 5.10 2.17
C GLU A 5 8.81 3.86 1.50
N ASN A 6 9.69 2.95 1.11
CA ASN A 6 9.26 1.72 0.46
C ASN A 6 8.32 0.94 1.37
N GLY A 7 8.64 0.92 2.66
CA GLY A 7 7.82 0.22 3.65
C GLY A 7 7.45 1.14 4.80
N ASP A 8 6.51 2.04 4.54
CA ASP A 8 6.06 2.99 5.55
C ASP A 8 5.47 2.27 6.75
N CYS A 9 4.66 1.26 6.47
CA CYS A 9 4.03 0.49 7.53
C CYS A 9 5.09 -0.20 8.39
N ALA A 10 6.09 -0.75 7.71
CA ALA A 10 7.19 -1.43 8.39
C ALA A 10 8.33 -1.69 7.41
N ALA A 11 9.49 -2.06 7.94
CA ALA A 11 10.64 -2.32 7.08
C ALA A 11 10.35 -3.47 6.10
N ASP A 12 9.71 -4.51 6.60
CA ASP A 12 9.38 -5.67 5.76
C ASP A 12 8.08 -5.45 4.99
N GLU A 13 7.16 -4.69 5.57
CA GLU A 13 5.88 -4.41 4.94
C GLU A 13 6.03 -3.41 3.80
N CYS A 14 5.11 -3.47 2.83
CA CYS A 14 5.15 -2.57 1.67
C CYS A 14 4.08 -1.49 1.80
N CYS A 15 4.36 -0.30 1.25
CA CYS A 15 3.42 0.81 1.30
C CYS A 15 3.36 1.49 -0.06
N VAL A 16 2.17 1.58 -0.63
CA VAL A 16 2.00 2.21 -1.93
C VAL A 16 0.69 2.99 -1.98
N ASP A 17 0.79 4.26 -2.38
CA ASP A 17 -0.39 5.13 -2.46
C ASP A 17 -0.75 5.42 -3.91
N THR A 18 -1.95 5.01 -4.31
CA THR A 18 -2.43 5.25 -5.68
C THR A 18 -3.45 6.37 -5.67
N VAL A 19 -3.79 6.86 -6.86
CA VAL A 19 -4.76 7.92 -7.00
C VAL A 19 -4.91 8.27 -8.46
N PHE A 20 -6.10 8.04 -8.95
CA PHE A 20 -6.44 8.30 -10.33
C PHE A 20 -7.20 9.62 -10.47
N GLU A 21 -8.43 9.62 -10.00
CA GLU A 21 -9.28 10.80 -10.09
C GLU A 21 -9.23 11.62 -8.82
N GLY A 22 -10.02 12.69 -8.82
CA GLY A 22 -10.09 13.59 -7.67
C GLY A 22 -11.24 13.22 -6.74
N ASP A 23 -12.10 12.33 -7.21
CA ASP A 23 -13.25 11.89 -6.42
C ASP A 23 -12.81 11.25 -5.12
N MET A 24 -11.79 10.41 -5.19
CA MET A 24 -11.27 9.72 -4.00
C MET A 24 -9.85 9.24 -4.23
N VAL A 25 -9.20 8.81 -3.14
CA VAL A 25 -7.82 8.31 -3.21
C VAL A 25 -7.75 6.85 -2.75
N THR A 26 -6.84 6.11 -3.37
CA THR A 26 -6.64 4.68 -3.06
C THR A 26 -5.21 4.40 -2.60
N ARG A 27 -5.08 3.56 -1.58
CA ARG A 27 -3.77 3.20 -1.06
C ARG A 27 -3.80 1.79 -0.45
N SER A 28 -2.63 1.16 -0.35
CA SER A 28 -2.54 -0.20 0.19
C SER A 28 -1.28 -0.38 1.04
N CYS A 29 -1.35 -1.30 1.99
CA CYS A 29 -0.21 -1.58 2.86
C CYS A 29 -0.45 -2.88 3.63
N GLU A 30 0.45 -3.84 3.45
CA GLU A 30 0.30 -5.14 4.12
C GLU A 30 0.86 -5.09 5.54
N LYS A 31 0.34 -5.98 6.39
CA LYS A 31 0.77 -6.07 7.79
C LYS A 31 1.40 -7.43 8.05
N THR A 32 2.45 -7.45 8.88
CA THR A 32 3.13 -8.70 9.20
C THR A 32 2.33 -9.50 10.23
N THR A 33 2.01 -10.74 9.88
CA THR A 33 1.26 -11.62 10.77
C THR A 33 1.58 -13.06 10.49
N GLY A 34 2.61 -13.54 11.17
CA GLY A 34 3.01 -14.92 11.01
C GLY A 34 3.69 -15.15 9.66
N ASN A 35 3.16 -14.49 8.63
CA ASN A 35 3.72 -14.61 7.28
C ASN A 35 3.82 -13.25 6.61
N PHE A 36 4.91 -13.03 5.87
CA PHE A 36 5.13 -11.77 5.19
C PHE A 36 4.52 -11.79 3.79
N THR A 37 4.03 -10.65 3.32
CA THR A 37 3.43 -10.55 2.00
C THR A 37 3.99 -9.32 1.30
N GLU A 38 3.23 -8.82 0.34
CA GLU A 38 3.63 -7.64 -0.43
C GLU A 38 2.41 -6.83 -0.86
N CYS A 39 2.60 -5.54 -1.06
CA CYS A 39 1.52 -4.67 -1.48
C CYS A 39 1.05 -5.06 -2.88
N PRO A 40 -0.21 -4.87 -3.20
CA PRO A 40 -0.75 -5.24 -4.55
C PRO A 40 -0.28 -4.28 -5.64
N GLY A 41 0.22 -4.85 -6.73
CA GLY A 41 0.70 -4.04 -7.85
C GLY A 41 -0.44 -3.26 -8.50
N LEU A 42 -1.59 -3.92 -8.62
CA LEU A 42 -2.77 -3.30 -9.23
C LEU A 42 -3.83 -3.01 -8.18
N THR A 43 -4.61 -1.95 -8.40
CA THR A 43 -5.66 -1.58 -7.47
C THR A 43 -6.79 -2.61 -7.51
N PRO A 44 -7.51 -2.82 -6.42
CA PRO A 44 -8.63 -3.79 -6.38
C PRO A 44 -9.88 -3.23 -7.06
N ILE A 45 -9.86 -1.93 -7.31
CA ILE A 45 -10.97 -1.26 -7.94
C ILE A 45 -11.06 -1.62 -9.42
N ALA A 46 -12.23 -2.07 -9.85
CA ALA A 46 -12.44 -2.46 -11.24
C ALA A 46 -12.61 -1.22 -12.12
#